data_9ULD
#
_entry.id   9ULD
#
_cell.length_a   81.330
_cell.length_b   81.330
_cell.length_c   219.870
_cell.angle_alpha   90.00
_cell.angle_beta   90.00
_cell.angle_gamma   120.00
#
_symmetry.space_group_name_H-M   'P 32 1 2'
#
_entity_poly.entity_id   1
_entity_poly.type   'polypeptide(L)'
_entity_poly.pdbx_seq_one_letter_code
;HMSLVTTSTSDGICTVKINRPDKLNAMNTDVAKELIKTFEELNHNDDVKVIILTGEGEKAFSAGADIEYMSKISADESVE
YAKTGQLVTATVELVKQPTIAAVNGFALGGGCELAMSCDIRIAADTAKLGQPEVTIGVPPGWGGTQRLMRIVGIAKAKEL
VYTGKMIKAEEAKEIGLVNHVVPLASLQEEALKMAQQIAGNSTMGVQMSKVAINKGRNADLDTGLGLEILAWRNCFTHPD
RQERMT
;
_entity_poly.pdbx_strand_id   A,B,C
#
# COMPACT_ATOMS: atom_id res chain seq x y z
N HIS A 1 23.34 27.10 9.33
CA HIS A 1 24.19 26.06 8.77
C HIS A 1 23.77 25.74 7.33
N MET A 2 22.52 26.06 6.99
CA MET A 2 21.97 25.69 5.71
C MET A 2 22.59 26.51 4.58
N SER A 3 22.43 26.00 3.36
CA SER A 3 22.95 26.60 2.15
C SER A 3 21.87 26.62 1.08
N LEU A 4 22.01 27.53 0.11
CA LEU A 4 21.00 27.66 -0.92
C LEU A 4 21.58 28.42 -2.11
N VAL A 5 21.24 27.96 -3.32
CA VAL A 5 21.45 28.69 -4.56
C VAL A 5 20.12 28.70 -5.30
N THR A 6 19.96 29.68 -6.19
CA THR A 6 18.72 29.84 -6.95
C THR A 6 19.08 30.12 -8.40
N THR A 7 19.05 29.08 -9.23
CA THR A 7 19.35 29.19 -10.65
C THR A 7 18.74 28.01 -11.39
N SER A 8 18.07 28.28 -12.50
CA SER A 8 17.48 27.28 -13.39
C SER A 8 17.11 28.00 -14.68
N THR A 9 16.36 27.32 -15.54
CA THR A 9 15.69 28.03 -16.63
C THR A 9 14.73 29.05 -16.02
N SER A 10 14.82 30.29 -16.49
CA SER A 10 14.08 31.42 -15.91
C SER A 10 14.39 31.60 -14.42
N ASP A 11 15.64 31.34 -14.04
CA ASP A 11 16.17 31.68 -12.72
C ASP A 11 15.55 31.04 -11.48
N GLY A 12 15.82 29.74 -11.31
CA GLY A 12 15.83 29.20 -9.96
C GLY A 12 15.46 27.75 -9.72
N ILE A 13 16.36 27.05 -9.03
CA ILE A 13 16.12 25.74 -8.43
C ILE A 13 16.61 25.83 -6.99
N CYS A 14 15.75 25.46 -6.03
CA CYS A 14 16.10 25.67 -4.63
C CYS A 14 16.89 24.48 -4.10
N THR A 15 18.20 24.51 -4.36
CA THR A 15 19.10 23.50 -3.82
C THR A 15 19.32 23.79 -2.35
N VAL A 16 18.91 22.86 -1.49
CA VAL A 16 19.08 22.97 -0.05
C VAL A 16 19.92 21.79 0.39
N LYS A 17 21.12 22.09 0.90
CA LYS A 17 22.04 21.08 1.42
C LYS A 17 22.40 21.46 2.84
N ILE A 18 22.01 20.62 3.80
CA ILE A 18 22.35 20.87 5.20
C ILE A 18 23.85 20.76 5.35
N ASN A 19 24.49 21.86 5.75
CA ASN A 19 25.94 21.97 5.77
C ASN A 19 26.42 22.05 7.22
N ARG A 20 26.83 20.90 7.77
CA ARG A 20 27.50 20.82 9.06
C ARG A 20 28.20 19.46 9.12
N PRO A 21 29.33 19.31 8.43
CA PRO A 21 29.94 17.98 8.27
C PRO A 21 30.54 17.40 9.55
N ASP A 22 30.75 18.21 10.59
CA ASP A 22 31.43 17.71 11.79
C ASP A 22 30.64 16.60 12.46
N LYS A 23 29.34 16.81 12.69
CA LYS A 23 28.48 15.82 13.30
C LYS A 23 27.69 15.01 12.28
N LEU A 24 28.02 15.13 10.99
CA LEU A 24 27.40 14.35 9.92
C LEU A 24 25.90 14.63 9.82
N ASN A 25 25.55 15.90 9.68
CA ASN A 25 24.17 16.33 9.44
C ASN A 25 23.21 15.85 10.52
N ALA A 26 23.69 15.82 11.76
CA ALA A 26 22.86 15.42 12.89
C ALA A 26 21.74 16.44 13.11
N MET A 27 20.54 15.94 13.38
CA MET A 27 19.35 16.78 13.50
C MET A 27 19.21 17.25 14.95
N ASN A 28 19.65 18.47 15.22
CA ASN A 28 19.44 19.12 16.50
C ASN A 28 18.25 20.07 16.38
N THR A 29 18.04 20.88 17.42
CA THR A 29 16.96 21.88 17.39
C THR A 29 17.22 22.94 16.33
N ASP A 30 18.45 23.47 16.29
CA ASP A 30 18.77 24.52 15.33
C ASP A 30 18.70 24.02 13.90
N VAL A 31 19.24 22.83 13.63
CA VAL A 31 19.09 22.20 12.32
C VAL A 31 17.66 21.76 12.07
N ALA A 32 16.80 21.78 13.08
CA ALA A 32 15.37 21.66 12.88
C ALA A 32 14.66 23.00 12.84
N LYS A 33 15.26 24.05 13.41
CA LYS A 33 14.65 25.38 13.38
C LYS A 33 14.82 26.06 12.03
N GLU A 34 16.07 26.21 11.58
CA GLU A 34 16.35 26.92 10.33
C GLU A 34 15.68 26.26 9.14
N LEU A 35 15.35 24.97 9.22
CA LEU A 35 14.60 24.33 8.15
C LEU A 35 13.22 24.96 8.00
N ILE A 36 12.56 25.25 9.12
CA ILE A 36 11.26 25.93 9.07
C ILE A 36 11.40 27.30 8.41
N LYS A 37 12.38 28.08 8.85
CA LYS A 37 12.54 29.43 8.34
C LYS A 37 12.93 29.43 6.87
N THR A 38 13.81 28.50 6.47
CA THR A 38 14.21 28.40 5.07
C THR A 38 13.16 27.71 4.20
N PHE A 39 12.16 27.06 4.80
CA PHE A 39 11.06 26.47 4.06
C PHE A 39 9.75 27.23 4.21
N GLU A 40 9.66 28.15 5.16
CA GLU A 40 8.49 29.02 5.27
C GLU A 40 8.72 30.40 4.69
N GLU A 41 9.97 30.87 4.64
CA GLU A 41 10.29 32.01 3.79
C GLU A 41 10.27 31.61 2.32
N LEU A 42 10.37 30.31 2.04
CA LEU A 42 10.21 29.79 0.70
C LEU A 42 8.75 29.50 0.37
N ASN A 43 7.85 29.57 1.35
CA ASN A 43 6.45 29.29 1.12
C ASN A 43 5.83 30.30 0.16
N HIS A 44 6.08 31.58 0.39
CA HIS A 44 5.47 32.66 -0.39
C HIS A 44 6.37 33.17 -1.49
N ASN A 45 7.28 32.33 -1.99
CA ASN A 45 8.19 32.70 -3.07
C ASN A 45 7.68 32.08 -4.36
N ASP A 46 7.26 32.93 -5.30
CA ASP A 46 6.70 32.49 -6.56
C ASP A 46 7.76 32.29 -7.64
N ASP A 47 9.03 32.49 -7.32
CA ASP A 47 10.12 32.33 -8.27
C ASP A 47 10.82 30.98 -8.15
N VAL A 48 10.31 30.08 -7.31
CA VAL A 48 10.87 28.74 -7.14
C VAL A 48 9.74 27.74 -7.34
N LYS A 49 9.90 26.83 -8.29
CA LYS A 49 8.90 25.82 -8.60
C LYS A 49 9.18 24.48 -7.94
N VAL A 50 10.40 23.96 -8.10
CA VAL A 50 10.76 22.62 -7.64
C VAL A 50 11.89 22.73 -6.64
N ILE A 51 11.82 21.91 -5.58
CA ILE A 51 12.81 21.89 -4.52
C ILE A 51 13.40 20.49 -4.44
N ILE A 52 14.73 20.41 -4.41
CA ILE A 52 15.44 19.16 -4.19
C ILE A 52 16.07 19.19 -2.79
N LEU A 53 15.93 18.09 -2.07
CA LEU A 53 16.42 17.99 -0.69
C LEU A 53 17.60 17.03 -0.67
N THR A 54 18.81 17.60 -0.61
CA THR A 54 20.04 16.81 -0.61
C THR A 54 20.91 17.20 0.56
N GLY A 55 22.00 16.46 0.75
CA GLY A 55 22.96 16.72 1.81
C GLY A 55 24.25 17.27 1.25
N GLU A 56 24.97 18.02 2.07
CA GLU A 56 26.20 18.66 1.65
C GLU A 56 27.31 17.62 1.47
N GLY A 57 28.29 17.96 0.63
CA GLY A 57 29.49 17.15 0.51
C GLY A 57 29.21 15.77 -0.05
N GLU A 58 30.09 14.83 0.31
CA GLU A 58 30.04 13.46 -0.19
C GLU A 58 30.00 12.43 0.93
N LYS A 59 29.62 12.84 2.15
CA LYS A 59 29.65 11.95 3.30
C LYS A 59 28.31 11.29 3.57
N ALA A 60 27.28 12.08 3.86
CA ALA A 60 25.99 11.53 4.24
C ALA A 60 24.91 12.57 4.09
N PHE A 61 23.65 12.10 4.05
CA PHE A 61 22.50 12.98 4.07
C PHE A 61 22.15 13.41 5.48
N SER A 62 22.02 12.44 6.38
CA SER A 62 21.76 12.70 7.80
C SER A 62 22.07 11.47 8.65
N ALA A 63 22.91 11.63 9.67
CA ALA A 63 23.35 10.52 10.52
C ALA A 63 23.18 10.87 11.99
N GLY A 64 22.01 11.41 12.34
CA GLY A 64 21.75 11.86 13.70
C GLY A 64 21.35 10.79 14.70
N ALA A 65 21.28 9.53 14.27
CA ALA A 65 20.85 8.47 15.18
C ALA A 65 21.96 8.11 16.17
N ASP A 66 23.10 7.63 15.65
CA ASP A 66 24.20 7.19 16.48
C ASP A 66 25.29 8.24 16.63
N ILE A 67 24.99 9.50 16.33
CA ILE A 67 25.92 10.60 16.44
C ILE A 67 25.41 11.69 17.39
N GLU A 68 24.15 12.10 17.21
CA GLU A 68 23.52 13.10 18.06
C GLU A 68 22.73 12.38 19.15
N TYR A 69 23.25 12.41 20.38
CA TYR A 69 22.56 11.78 21.50
C TYR A 69 22.91 12.56 22.76
N MET A 70 22.02 13.49 23.13
CA MET A 70 22.13 14.23 24.37
C MET A 70 20.88 14.11 25.23
N SER A 71 19.93 13.26 24.84
CA SER A 71 18.64 13.19 25.50
C SER A 71 18.74 12.48 26.85
N LYS A 72 19.36 13.13 27.83
CA LYS A 72 19.36 12.66 29.21
C LYS A 72 18.60 13.71 30.02
N ILE A 73 17.27 13.58 30.03
CA ILE A 73 16.38 14.56 30.62
C ILE A 73 15.18 13.83 31.21
N SER A 74 14.25 14.59 31.79
CA SER A 74 12.96 14.03 32.13
C SER A 74 12.11 13.84 30.87
N ALA A 75 11.05 13.05 30.99
CA ALA A 75 10.20 12.76 29.84
C ALA A 75 9.35 13.95 29.42
N ASP A 76 9.20 14.96 30.29
CA ASP A 76 8.40 16.13 29.93
C ASP A 76 9.02 16.89 28.78
N GLU A 77 10.33 17.07 28.79
CA GLU A 77 11.00 17.80 27.72
C GLU A 77 11.11 16.99 26.43
N SER A 78 10.85 15.68 26.49
CA SER A 78 10.88 14.87 25.27
C SER A 78 9.78 15.27 24.30
N VAL A 79 8.62 15.69 24.82
CA VAL A 79 7.52 16.11 23.95
C VAL A 79 7.90 17.35 23.15
N GLU A 80 8.69 18.24 23.76
CA GLU A 80 9.15 19.43 23.05
C GLU A 80 9.95 19.05 21.81
N TYR A 81 10.74 17.98 21.89
CA TYR A 81 11.40 17.47 20.69
C TYR A 81 10.41 16.80 19.76
N ALA A 82 9.40 16.12 20.32
CA ALA A 82 8.37 15.50 19.51
C ALA A 82 7.52 16.56 18.81
N LYS A 83 7.13 17.62 19.52
CA LYS A 83 6.38 18.70 18.89
C LYS A 83 7.23 19.43 17.85
N THR A 84 8.50 19.68 18.16
CA THR A 84 9.37 20.34 17.19
C THR A 84 9.71 19.41 16.04
N GLY A 85 9.90 18.12 16.32
CA GLY A 85 10.16 17.16 15.26
C GLY A 85 9.00 17.06 14.27
N GLN A 86 7.77 17.07 14.79
CA GLN A 86 6.61 17.06 13.91
C GLN A 86 6.38 18.41 13.26
N LEU A 87 6.98 19.48 13.80
CA LEU A 87 6.91 20.78 13.15
C LEU A 87 7.77 20.83 11.89
N VAL A 88 8.79 19.98 11.79
CA VAL A 88 9.69 19.98 10.65
C VAL A 88 9.42 18.83 9.69
N THR A 89 8.97 17.69 10.18
CA THR A 89 8.77 16.54 9.29
C THR A 89 7.66 16.79 8.29
N ALA A 90 6.56 17.39 8.75
CA ALA A 90 5.39 17.58 7.91
C ALA A 90 5.39 18.89 7.16
N THR A 91 6.11 19.90 7.63
CA THR A 91 6.16 21.18 6.93
C THR A 91 6.91 21.07 5.61
N VAL A 92 7.74 20.04 5.43
CA VAL A 92 8.33 19.78 4.13
C VAL A 92 7.33 19.08 3.23
N GLU A 93 6.53 18.17 3.79
CA GLU A 93 5.53 17.46 3.01
C GLU A 93 4.28 18.29 2.73
N LEU A 94 4.14 19.45 3.37
CA LEU A 94 3.00 20.34 3.13
C LEU A 94 3.39 21.61 2.39
N VAL A 95 4.64 21.74 1.96
CA VAL A 95 4.99 22.81 1.05
C VAL A 95 4.44 22.51 -0.33
N LYS A 96 3.70 23.46 -0.90
CA LYS A 96 3.05 23.23 -2.18
C LYS A 96 4.05 22.97 -3.29
N GLN A 97 5.21 23.63 -3.23
CA GLN A 97 6.25 23.38 -4.23
C GLN A 97 6.74 21.94 -4.10
N PRO A 98 6.74 21.16 -5.18
CA PRO A 98 7.14 19.76 -5.08
C PRO A 98 8.56 19.60 -4.60
N THR A 99 8.72 18.90 -3.48
CA THR A 99 10.00 18.69 -2.84
C THR A 99 10.42 17.24 -3.02
N ILE A 100 11.70 17.04 -3.38
CA ILE A 100 12.25 15.71 -3.63
C ILE A 100 13.42 15.49 -2.68
N ALA A 101 13.38 14.39 -1.93
CA ALA A 101 14.46 14.03 -1.01
C ALA A 101 15.59 13.41 -1.82
N ALA A 102 16.43 14.29 -2.39
CA ALA A 102 17.57 13.85 -3.18
C ALA A 102 18.63 13.26 -2.27
N VAL A 103 18.37 12.08 -1.73
CA VAL A 103 19.19 11.51 -0.67
C VAL A 103 20.52 11.05 -1.23
N ASN A 104 21.60 11.42 -0.55
CA ASN A 104 22.95 10.95 -0.86
C ASN A 104 23.64 10.55 0.43
N GLY A 105 24.32 9.40 0.41
CA GLY A 105 25.01 8.97 1.62
C GLY A 105 24.07 8.40 2.66
N PHE A 106 24.55 8.38 3.90
CA PHE A 106 23.78 7.83 5.00
C PHE A 106 22.55 8.68 5.25
N ALA A 107 21.40 8.03 5.44
CA ALA A 107 20.14 8.72 5.69
C ALA A 107 19.35 8.00 6.78
N LEU A 108 20.02 7.63 7.86
CA LEU A 108 19.37 7.00 8.99
C LEU A 108 19.07 8.04 10.08
N GLY A 109 18.38 7.60 11.12
CA GLY A 109 17.98 8.48 12.19
C GLY A 109 16.97 9.52 11.77
N GLY A 110 17.32 10.80 11.93
CA GLY A 110 16.44 11.86 11.47
C GLY A 110 16.23 11.81 9.97
N GLY A 111 17.30 11.51 9.22
CA GLY A 111 17.16 11.37 7.78
C GLY A 111 16.32 10.18 7.37
N CYS A 112 16.23 9.16 8.22
CA CYS A 112 15.33 8.04 7.95
C CYS A 112 13.88 8.51 7.96
N GLU A 113 13.54 9.41 8.87
CA GLU A 113 12.21 10.01 8.90
C GLU A 113 12.10 11.26 8.03
N LEU A 114 13.21 11.93 7.73
CA LEU A 114 13.18 13.11 6.88
C LEU A 114 13.05 12.73 5.40
N ALA A 115 13.68 11.63 4.99
CA ALA A 115 13.63 11.23 3.59
C ALA A 115 12.21 10.89 3.16
N MET A 116 11.44 10.25 4.03
CA MET A 116 10.07 9.86 3.73
C MET A 116 9.10 11.04 3.72
N SER A 117 9.59 12.26 3.97
CA SER A 117 8.73 13.45 4.01
C SER A 117 8.54 14.09 2.65
N CYS A 118 9.28 13.67 1.64
CA CYS A 118 9.19 14.28 0.31
C CYS A 118 8.19 13.52 -0.56
N ASP A 119 8.19 13.80 -1.86
CA ASP A 119 7.26 13.18 -2.80
C ASP A 119 7.84 11.89 -3.38
N ILE A 120 8.98 11.99 -4.05
CA ILE A 120 9.69 10.84 -4.59
C ILE A 120 10.98 10.67 -3.79
N ARG A 121 11.16 9.49 -3.22
CA ARG A 121 12.32 9.22 -2.37
C ARG A 121 13.51 8.71 -3.18
N ILE A 122 13.86 9.44 -4.24
CA ILE A 122 14.99 9.03 -5.07
C ILE A 122 16.28 9.26 -4.29
N ALA A 123 17.12 8.24 -4.24
CA ALA A 123 18.29 8.27 -3.38
C ALA A 123 19.51 7.74 -4.13
N ALA A 124 20.68 8.08 -3.61
CA ALA A 124 21.92 7.54 -4.12
C ALA A 124 21.96 6.03 -3.88
N ASP A 125 22.60 5.31 -4.81
CA ASP A 125 22.80 3.89 -4.61
C ASP A 125 23.76 3.60 -3.46
N THR A 126 24.50 4.60 -2.99
CA THR A 126 25.36 4.47 -1.82
C THR A 126 24.59 4.57 -0.51
N ALA A 127 23.28 4.84 -0.57
CA ALA A 127 22.51 5.09 0.64
C ALA A 127 22.33 3.80 1.42
N LYS A 128 22.81 3.78 2.66
CA LYS A 128 22.54 2.70 3.60
C LYS A 128 21.41 3.17 4.50
N LEU A 129 20.22 2.61 4.31
CA LEU A 129 19.02 3.06 5.00
C LEU A 129 18.73 2.18 6.20
N GLY A 130 18.04 2.78 7.17
CA GLY A 130 17.67 2.07 8.39
C GLY A 130 17.18 3.04 9.43
N GLN A 131 16.59 2.47 10.49
CA GLN A 131 16.04 3.23 11.61
C GLN A 131 16.59 2.69 12.92
N PRO A 132 17.86 3.06 13.27
CA PRO A 132 18.48 2.67 14.54
C PRO A 132 18.05 3.53 15.73
N GLU A 133 16.75 3.85 15.78
CA GLU A 133 16.17 4.50 16.95
C GLU A 133 15.83 3.48 18.04
N VAL A 134 15.43 2.27 17.64
CA VAL A 134 15.00 1.26 18.61
C VAL A 134 16.17 0.67 19.39
N THR A 135 17.37 0.65 18.81
CA THR A 135 18.51 0.00 19.45
C THR A 135 18.85 0.63 20.80
N ILE A 136 18.50 1.91 21.00
CA ILE A 136 18.69 2.56 22.29
C ILE A 136 17.44 2.46 23.17
N GLY A 137 16.38 1.84 22.68
CA GLY A 137 15.20 1.59 23.48
C GLY A 137 14.06 2.56 23.33
N VAL A 138 14.03 3.36 22.26
CA VAL A 138 12.98 4.35 22.05
C VAL A 138 12.51 4.29 20.60
N PRO A 139 11.23 4.05 20.34
CA PRO A 139 10.74 4.04 18.95
C PRO A 139 10.81 5.43 18.36
N PRO A 140 10.84 5.55 17.03
CA PRO A 140 10.94 6.87 16.40
C PRO A 140 9.78 7.77 16.80
N GLY A 141 10.09 9.04 17.00
CA GLY A 141 9.10 9.97 17.53
C GLY A 141 8.70 11.10 16.61
N TRP A 142 9.48 11.34 15.56
CA TRP A 142 9.18 12.42 14.62
C TRP A 142 8.16 12.03 13.57
N GLY A 143 7.69 10.79 13.57
CA GLY A 143 6.71 10.35 12.59
C GLY A 143 7.19 9.15 11.78
N GLY A 144 8.14 8.40 12.33
CA GLY A 144 8.66 7.23 11.64
C GLY A 144 7.81 5.99 11.76
N THR A 145 6.79 6.01 12.61
CA THR A 145 5.92 4.85 12.81
C THR A 145 4.61 4.93 12.05
N GLN A 146 4.00 6.11 11.96
CA GLN A 146 2.72 6.26 11.29
C GLN A 146 2.81 6.91 9.91
N ARG A 147 4.01 7.18 9.41
CA ARG A 147 4.20 7.66 8.05
C ARG A 147 4.90 6.65 7.15
N LEU A 148 5.85 5.88 7.71
CA LEU A 148 6.54 4.86 6.92
C LEU A 148 5.59 3.75 6.49
N MET A 149 4.71 3.30 7.40
CA MET A 149 3.88 2.13 7.12
C MET A 149 2.91 2.37 5.98
N ARG A 150 2.66 3.63 5.62
CA ARG A 150 1.80 3.95 4.49
C ARG A 150 2.56 4.09 3.18
N ILE A 151 3.88 3.89 3.20
CA ILE A 151 4.70 4.05 2.01
C ILE A 151 5.09 2.69 1.46
N VAL A 152 5.80 1.90 2.26
CA VAL A 152 6.21 0.55 1.84
C VAL A 152 5.16 -0.50 2.16
N GLY A 153 4.17 -0.18 2.97
CA GLY A 153 3.21 -1.15 3.46
C GLY A 153 3.46 -1.43 4.93
N ILE A 154 2.81 -2.49 5.41
CA ILE A 154 2.93 -2.91 6.80
C ILE A 154 3.73 -4.20 6.96
N ALA A 155 3.76 -5.06 5.95
CA ALA A 155 4.55 -6.28 6.04
C ALA A 155 6.04 -5.97 6.20
N LYS A 156 6.54 -5.01 5.44
CA LYS A 156 7.95 -4.66 5.48
C LYS A 156 8.27 -3.57 6.50
N ALA A 157 7.28 -2.76 6.90
CA ALA A 157 7.53 -1.71 7.87
C ALA A 157 7.95 -2.28 9.22
N LYS A 158 7.45 -3.47 9.57
CA LYS A 158 7.85 -4.10 10.82
C LYS A 158 9.32 -4.47 10.81
N GLU A 159 9.82 -4.94 9.66
CA GLU A 159 11.18 -5.50 9.62
C GLU A 159 12.23 -4.45 9.95
N LEU A 160 12.13 -3.26 9.35
CA LEU A 160 13.15 -2.25 9.58
C LEU A 160 12.95 -1.46 10.87
N VAL A 161 11.85 -1.67 11.58
CA VAL A 161 11.61 -1.02 12.86
C VAL A 161 11.88 -1.95 14.03
N TYR A 162 11.37 -3.19 13.97
CA TYR A 162 11.60 -4.14 15.04
C TYR A 162 13.07 -4.56 15.13
N THR A 163 13.75 -4.63 13.99
CA THR A 163 15.11 -5.15 13.95
C THR A 163 16.12 -4.09 14.36
N GLY A 164 16.20 -3.01 13.59
CA GLY A 164 17.19 -1.98 13.84
C GLY A 164 18.50 -2.18 13.12
N LYS A 165 18.47 -2.74 11.91
CA LYS A 165 19.67 -2.95 11.10
C LYS A 165 19.61 -2.09 9.85
N MET A 166 20.80 -1.78 9.32
CA MET A 166 20.91 -0.93 8.15
C MET A 166 20.77 -1.75 6.87
N ILE A 167 20.01 -1.22 5.91
CA ILE A 167 19.81 -1.87 4.63
C ILE A 167 20.27 -0.93 3.51
N LYS A 168 20.55 -1.52 2.36
CA LYS A 168 21.08 -0.78 1.22
C LYS A 168 19.96 -0.03 0.49
N ALA A 169 20.38 0.79 -0.48
CA ALA A 169 19.41 1.48 -1.33
C ALA A 169 18.80 0.54 -2.37
N GLU A 170 19.60 -0.37 -2.91
CA GLU A 170 19.08 -1.35 -3.86
C GLU A 170 18.06 -2.27 -3.19
N GLU A 171 18.34 -2.69 -1.96
CA GLU A 171 17.38 -3.51 -1.22
C GLU A 171 16.09 -2.76 -0.96
N ALA A 172 16.18 -1.45 -0.74
CA ALA A 172 14.98 -0.64 -0.51
C ALA A 172 14.13 -0.48 -1.75
N LYS A 173 14.68 -0.76 -2.94
CA LYS A 173 13.90 -0.64 -4.17
C LYS A 173 12.86 -1.75 -4.30
N GLU A 174 13.02 -2.86 -3.58
CA GLU A 174 12.05 -3.94 -3.63
C GLU A 174 10.85 -3.73 -2.70
N ILE A 175 10.88 -2.69 -1.86
CA ILE A 175 9.80 -2.44 -0.91
C ILE A 175 8.94 -1.25 -1.30
N GLY A 176 9.31 -0.52 -2.36
CA GLY A 176 8.56 0.66 -2.77
C GLY A 176 8.92 1.94 -2.05
N LEU A 177 9.89 1.90 -1.13
CA LEU A 177 10.28 3.11 -0.41
C LEU A 177 10.96 4.10 -1.35
N VAL A 178 12.09 3.71 -1.93
CA VAL A 178 12.80 4.57 -2.88
C VAL A 178 12.17 4.38 -4.25
N ASN A 179 11.73 5.48 -4.86
CA ASN A 179 11.02 5.41 -6.14
C ASN A 179 11.96 5.25 -7.32
N HIS A 180 13.25 5.53 -7.14
CA HIS A 180 14.24 5.31 -8.19
C HIS A 180 15.60 5.18 -7.52
N VAL A 181 16.35 4.16 -7.91
CA VAL A 181 17.70 3.95 -7.40
C VAL A 181 18.68 4.38 -8.48
N VAL A 182 19.41 5.46 -8.23
CA VAL A 182 20.38 5.97 -9.20
C VAL A 182 21.62 6.53 -8.51
N PRO A 183 22.75 6.59 -9.21
CA PRO A 183 24.00 7.05 -8.60
C PRO A 183 23.92 8.44 -8.01
N LEU A 184 24.88 8.74 -7.12
CA LEU A 184 24.84 9.93 -6.27
C LEU A 184 25.19 11.21 -7.03
N ALA A 185 26.36 11.25 -7.65
CA ALA A 185 26.73 12.48 -8.34
C ALA A 185 25.97 12.64 -9.66
N SER A 186 25.50 11.53 -10.23
CA SER A 186 24.47 11.63 -11.25
C SER A 186 23.17 12.16 -10.65
N LEU A 187 22.85 11.74 -9.42
CA LEU A 187 21.65 12.25 -8.77
C LEU A 187 21.67 13.77 -8.70
N GLN A 188 22.86 14.38 -8.67
CA GLN A 188 22.94 15.82 -8.84
C GLN A 188 22.45 16.25 -10.23
N GLU A 189 22.96 15.62 -11.28
CA GLU A 189 22.55 15.94 -12.64
C GLU A 189 21.23 15.27 -13.02
N GLU A 190 21.02 14.01 -12.58
CA GLU A 190 19.80 13.29 -12.92
C GLU A 190 18.57 13.82 -12.21
N ALA A 191 18.73 14.44 -11.03
CA ALA A 191 17.59 15.10 -10.41
C ALA A 191 17.12 16.27 -11.26
N LEU A 192 18.07 17.01 -11.84
CA LEU A 192 17.71 18.14 -12.69
C LEU A 192 16.89 17.69 -13.89
N LYS A 193 17.07 16.44 -14.34
CA LYS A 193 16.15 15.88 -15.32
C LYS A 193 14.72 15.88 -14.78
N MET A 194 14.55 15.43 -13.54
CA MET A 194 13.24 15.42 -12.89
C MET A 194 12.97 16.69 -12.09
N ALA A 195 13.96 17.57 -11.91
CA ALA A 195 13.75 18.83 -11.22
C ALA A 195 13.32 19.95 -12.15
N GLN A 196 13.40 19.76 -13.47
CA GLN A 196 12.82 20.71 -14.41
C GLN A 196 11.86 20.09 -15.42
N GLN A 197 11.76 18.76 -15.48
CA GLN A 197 10.59 18.15 -16.10
C GLN A 197 9.34 18.49 -15.30
N ILE A 198 9.45 18.47 -13.97
CA ILE A 198 8.37 18.97 -13.13
C ILE A 198 8.12 20.45 -13.41
N ALA A 199 9.19 21.23 -13.48
CA ALA A 199 9.06 22.67 -13.74
C ALA A 199 8.52 22.94 -15.13
N GLY A 200 8.79 22.05 -16.09
CA GLY A 200 8.27 22.23 -17.43
C GLY A 200 6.75 22.13 -17.52
N ASN A 201 6.11 21.59 -16.49
CA ASN A 201 4.66 21.49 -16.44
C ASN A 201 4.07 22.82 -15.97
N SER A 202 2.78 22.82 -15.63
CA SER A 202 2.11 24.03 -15.17
C SER A 202 2.59 24.41 -13.78
N THR A 203 2.13 25.56 -13.30
CA THR A 203 2.52 26.06 -11.99
C THR A 203 1.45 25.85 -10.93
N MET A 204 0.20 25.61 -11.32
CA MET A 204 -0.89 25.34 -10.38
C MET A 204 -1.42 23.92 -10.46
N GLY A 205 -1.30 23.26 -11.60
CA GLY A 205 -1.74 21.88 -11.71
C GLY A 205 -0.86 20.87 -11.01
N VAL A 206 0.24 21.32 -10.42
CA VAL A 206 1.15 20.46 -9.66
C VAL A 206 0.94 20.61 -8.16
N GLN A 207 0.95 21.85 -7.67
CA GLN A 207 0.80 22.09 -6.24
C GLN A 207 -0.65 21.95 -5.77
N MET A 208 -1.62 22.34 -6.60
CA MET A 208 -3.01 22.09 -6.24
C MET A 208 -3.32 20.60 -6.22
N SER A 209 -2.71 19.84 -7.13
CA SER A 209 -2.81 18.38 -7.04
C SER A 209 -2.16 17.88 -5.75
N LYS A 210 -1.06 18.52 -5.33
CA LYS A 210 -0.41 18.16 -4.09
C LYS A 210 -1.32 18.36 -2.88
N VAL A 211 -2.32 19.23 -2.99
CA VAL A 211 -3.27 19.40 -1.90
C VAL A 211 -4.27 18.25 -1.84
N ALA A 212 -4.46 17.51 -2.94
CA ALA A 212 -5.42 16.42 -2.98
C ALA A 212 -4.83 15.10 -2.54
N ILE A 213 -3.62 14.76 -3.01
CA ILE A 213 -2.99 13.50 -2.62
C ILE A 213 -2.56 13.52 -1.16
N ASN A 214 -1.96 14.63 -0.72
CA ASN A 214 -1.48 14.72 0.66
C ASN A 214 -2.60 14.76 1.68
N LYS A 215 -3.86 14.97 1.26
CA LYS A 215 -4.99 14.94 2.17
C LYS A 215 -6.02 13.87 1.84
N GLY A 216 -5.88 13.16 0.72
CA GLY A 216 -6.81 12.09 0.40
C GLY A 216 -6.51 10.77 1.06
N ARG A 217 -5.29 10.61 1.60
CA ARG A 217 -4.92 9.40 2.33
C ARG A 217 -5.56 9.35 3.71
N ASN A 218 -5.98 10.50 4.25
CA ASN A 218 -6.61 10.57 5.56
C ASN A 218 -8.13 10.49 5.49
N ALA A 219 -8.69 10.31 4.30
CA ALA A 219 -10.13 10.21 4.12
C ALA A 219 -10.43 9.02 3.22
N ASP A 220 -11.68 8.55 3.30
CA ASP A 220 -12.10 7.40 2.52
C ASP A 220 -12.19 7.76 1.04
N LEU A 221 -12.57 6.77 0.22
CA LEU A 221 -12.59 6.95 -1.22
C LEU A 221 -13.63 7.98 -1.64
N ASP A 222 -14.82 7.92 -1.06
CA ASP A 222 -15.88 8.85 -1.46
C ASP A 222 -15.53 10.29 -1.08
N THR A 223 -15.01 10.49 0.13
CA THR A 223 -14.58 11.84 0.52
C THR A 223 -13.33 12.26 -0.25
N GLY A 224 -12.52 11.30 -0.68
CA GLY A 224 -11.34 11.64 -1.48
C GLY A 224 -11.72 12.33 -2.77
N LEU A 225 -12.78 11.86 -3.43
CA LEU A 225 -13.30 12.57 -4.59
C LEU A 225 -13.89 13.91 -4.21
N GLY A 226 -14.34 14.05 -2.96
CA GLY A 226 -14.93 15.31 -2.53
C GLY A 226 -13.94 16.46 -2.55
N LEU A 227 -12.67 16.19 -2.29
CA LEU A 227 -11.64 17.21 -2.38
C LEU A 227 -11.08 17.37 -3.79
N GLU A 228 -11.08 16.30 -4.58
CA GLU A 228 -10.43 16.33 -5.89
C GLU A 228 -11.24 17.10 -6.92
N ILE A 229 -12.58 17.03 -6.86
CA ILE A 229 -13.40 17.69 -7.87
C ILE A 229 -13.30 19.22 -7.74
N LEU A 230 -13.29 19.73 -6.51
CA LEU A 230 -13.08 21.17 -6.33
C LEU A 230 -11.69 21.57 -6.81
N ALA A 231 -10.68 20.74 -6.54
CA ALA A 231 -9.35 21.01 -7.06
C ALA A 231 -9.33 20.98 -8.58
N TRP A 232 -10.07 20.02 -9.17
CA TRP A 232 -10.30 20.05 -10.61
C TRP A 232 -11.05 21.30 -11.01
N ARG A 233 -11.97 21.76 -10.16
CA ARG A 233 -12.69 23.00 -10.42
C ARG A 233 -11.82 24.23 -10.18
N ASN A 234 -10.94 24.16 -9.18
CA ASN A 234 -10.12 25.32 -8.83
C ASN A 234 -9.06 25.59 -9.89
N CYS A 235 -8.34 24.55 -10.31
CA CYS A 235 -7.36 24.71 -11.39
C CYS A 235 -8.02 25.05 -12.72
N PHE A 236 -9.33 24.83 -12.83
CA PHE A 236 -10.09 25.21 -14.01
C PHE A 236 -10.30 26.72 -14.12
N THR A 237 -9.80 27.49 -13.15
CA THR A 237 -9.95 28.94 -13.17
C THR A 237 -8.58 29.59 -13.25
N HIS A 238 -7.73 29.08 -14.14
CA HIS A 238 -6.37 29.56 -14.29
C HIS A 238 -6.11 29.86 -15.77
N PRO A 239 -5.34 30.92 -16.07
CA PRO A 239 -4.97 31.17 -17.47
C PRO A 239 -4.13 30.05 -18.08
N ASP A 240 -3.52 29.20 -17.27
CA ASP A 240 -2.77 28.06 -17.77
C ASP A 240 -3.65 26.93 -18.27
N ARG A 241 -4.95 26.96 -17.94
CA ARG A 241 -5.84 25.89 -18.40
C ARG A 241 -6.09 25.97 -19.90
N GLN A 242 -6.13 27.19 -20.47
CA GLN A 242 -6.39 27.36 -21.89
C GLN A 242 -5.18 27.76 -22.71
N GLU A 243 -4.09 28.22 -22.06
CA GLU A 243 -2.90 28.61 -22.80
C GLU A 243 -2.27 27.42 -23.51
N ARG A 244 -2.19 26.27 -22.85
CA ARG A 244 -1.44 25.12 -23.35
C ARG A 244 -2.30 24.15 -24.16
N MET A 245 -3.55 24.50 -24.44
CA MET A 245 -4.43 23.65 -25.24
C MET A 245 -4.15 23.83 -26.73
N THR A 246 -2.90 23.55 -27.10
CA THR A 246 -2.46 23.69 -28.48
C THR A 246 -1.26 22.78 -28.77
N HIS B 1 -21.38 2.68 -31.85
CA HIS B 1 -20.71 3.31 -30.71
C HIS B 1 -20.06 2.27 -29.80
N MET B 2 -20.73 1.13 -29.66
CA MET B 2 -20.25 0.06 -28.79
C MET B 2 -20.60 -1.29 -29.40
N SER B 3 -19.87 -2.31 -28.97
CA SER B 3 -20.12 -3.68 -29.39
C SER B 3 -19.65 -4.61 -28.28
N LEU B 4 -20.53 -5.51 -27.85
CA LEU B 4 -20.23 -6.44 -26.77
C LEU B 4 -20.60 -7.86 -27.19
N VAL B 5 -19.80 -8.81 -26.72
CA VAL B 5 -20.02 -10.23 -27.00
C VAL B 5 -19.97 -11.01 -25.69
N THR B 6 -20.61 -12.18 -25.70
CA THR B 6 -20.71 -13.02 -24.52
C THR B 6 -20.80 -14.47 -24.98
N THR B 7 -19.71 -15.23 -24.79
CA THR B 7 -19.67 -16.64 -25.16
C THR B 7 -18.51 -17.30 -24.43
N SER B 8 -18.83 -18.23 -23.53
CA SER B 8 -17.83 -18.98 -22.77
C SER B 8 -18.56 -20.10 -22.04
N THR B 9 -17.83 -20.88 -21.24
CA THR B 9 -18.44 -21.87 -20.37
C THR B 9 -19.17 -21.18 -19.21
N SER B 10 -20.22 -21.84 -18.73
CA SER B 10 -21.05 -21.38 -17.60
C SER B 10 -21.89 -20.15 -17.95
N ASP B 11 -21.71 -19.60 -19.15
CA ASP B 11 -22.55 -18.51 -19.69
C ASP B 11 -22.62 -17.32 -18.73
N GLY B 12 -21.45 -16.81 -18.36
CA GLY B 12 -21.42 -15.72 -17.40
C GLY B 12 -20.38 -14.63 -17.60
N ILE B 13 -19.64 -14.67 -18.70
CA ILE B 13 -18.60 -13.67 -18.94
C ILE B 13 -19.08 -12.70 -20.01
N CYS B 14 -18.69 -11.44 -19.86
CA CYS B 14 -19.09 -10.37 -20.76
C CYS B 14 -17.85 -9.66 -21.29
N THR B 15 -17.78 -9.47 -22.61
CA THR B 15 -16.67 -8.79 -23.26
C THR B 15 -17.19 -7.42 -23.72
N VAL B 16 -17.11 -6.44 -22.83
CA VAL B 16 -17.51 -5.07 -23.16
C VAL B 16 -16.37 -4.40 -23.92
N LYS B 17 -16.67 -3.85 -25.09
CA LYS B 17 -15.65 -3.25 -25.94
C LYS B 17 -16.10 -1.88 -26.39
N ILE B 18 -15.19 -0.92 -26.33
CA ILE B 18 -15.44 0.43 -26.84
C ILE B 18 -15.19 0.42 -28.35
N ASN B 19 -16.17 0.92 -29.11
CA ASN B 19 -16.18 0.73 -30.55
C ASN B 19 -16.03 2.04 -31.31
N ARG B 20 -15.08 2.88 -30.91
CA ARG B 20 -14.74 4.10 -31.63
C ARG B 20 -13.24 4.09 -31.92
N PRO B 21 -12.78 3.17 -32.77
CA PRO B 21 -11.33 3.05 -33.00
C PRO B 21 -10.77 4.11 -33.93
N ASP B 22 -11.62 4.77 -34.73
CA ASP B 22 -11.12 5.77 -35.67
C ASP B 22 -10.49 6.95 -34.95
N LYS B 23 -11.11 7.38 -33.85
CA LYS B 23 -10.63 8.51 -33.06
C LYS B 23 -9.77 8.08 -31.89
N LEU B 24 -9.15 6.91 -31.98
CA LEU B 24 -8.26 6.36 -30.95
C LEU B 24 -8.98 6.08 -29.63
N ASN B 25 -10.31 5.96 -29.66
CA ASN B 25 -11.11 5.57 -28.49
C ASN B 25 -10.86 6.47 -27.29
N ALA B 26 -10.76 7.78 -27.53
CA ALA B 26 -10.57 8.73 -26.45
C ALA B 26 -11.91 9.06 -25.79
N MET B 27 -11.89 9.15 -24.46
CA MET B 27 -13.11 9.40 -23.71
C MET B 27 -13.57 10.84 -23.90
N ASN B 28 -14.90 11.02 -23.83
CA ASN B 28 -15.50 12.34 -23.85
C ASN B 28 -16.81 12.27 -23.06
N THR B 29 -17.64 13.31 -23.19
CA THR B 29 -18.88 13.39 -22.44
C THR B 29 -20.00 12.56 -23.07
N ASP B 30 -19.81 12.05 -24.28
CA ASP B 30 -20.84 11.27 -24.95
C ASP B 30 -20.57 9.77 -24.97
N VAL B 31 -19.35 9.34 -24.71
CA VAL B 31 -19.03 7.91 -24.72
C VAL B 31 -19.03 7.37 -23.29
N ALA B 32 -18.78 8.27 -22.32
CA ALA B 32 -18.89 7.88 -20.92
C ALA B 32 -20.32 7.52 -20.55
N LYS B 33 -21.29 8.31 -21.03
CA LYS B 33 -22.69 7.97 -20.83
C LYS B 33 -23.05 6.68 -21.57
N GLU B 34 -22.46 6.46 -22.73
CA GLU B 34 -22.65 5.21 -23.45
C GLU B 34 -22.12 4.01 -22.68
N LEU B 35 -21.16 4.22 -21.77
CA LEU B 35 -20.69 3.16 -20.89
C LEU B 35 -21.46 3.08 -19.58
N ILE B 36 -22.36 4.03 -19.31
CA ILE B 36 -23.16 3.96 -18.09
C ILE B 36 -24.28 2.95 -18.25
N LYS B 37 -25.05 3.04 -19.34
CA LYS B 37 -26.11 2.08 -19.58
C LYS B 37 -25.58 0.69 -19.87
N THR B 38 -24.35 0.60 -20.41
CA THR B 38 -23.77 -0.70 -20.74
C THR B 38 -23.64 -1.57 -19.50
N PHE B 39 -23.22 -0.99 -18.39
CA PHE B 39 -23.17 -1.68 -17.10
C PHE B 39 -24.46 -1.52 -16.31
N GLU B 40 -25.44 -0.81 -16.86
CA GLU B 40 -26.82 -0.81 -16.36
C GLU B 40 -26.97 -0.23 -14.96
N GLU B 41 -26.19 0.82 -14.65
CA GLU B 41 -26.47 1.74 -13.55
C GLU B 41 -26.58 1.01 -12.21
N LEU B 42 -25.44 0.53 -11.74
CA LEU B 42 -25.24 -0.05 -10.40
C LEU B 42 -25.73 -1.50 -10.30
N ASN B 43 -26.23 -2.09 -11.38
CA ASN B 43 -26.72 -3.46 -11.34
C ASN B 43 -26.74 -4.01 -12.76
N HIS B 44 -26.99 -5.31 -12.89
CA HIS B 44 -27.06 -5.96 -14.19
C HIS B 44 -28.04 -7.11 -14.10
N ASN B 45 -28.04 -7.96 -15.13
CA ASN B 45 -28.97 -9.08 -15.19
C ASN B 45 -28.43 -10.25 -14.39
N ASP B 46 -29.12 -11.39 -14.45
CA ASP B 46 -28.73 -12.60 -13.75
C ASP B 46 -28.00 -13.60 -14.63
N ASP B 47 -27.56 -13.17 -15.82
CA ASP B 47 -26.92 -14.04 -16.79
C ASP B 47 -25.40 -13.88 -16.84
N VAL B 48 -24.80 -13.23 -15.85
CA VAL B 48 -23.38 -12.91 -15.90
C VAL B 48 -22.69 -13.35 -14.62
N LYS B 49 -21.40 -13.66 -14.74
CA LYS B 49 -20.51 -13.98 -13.63
C LYS B 49 -19.23 -13.16 -13.65
N VAL B 50 -18.68 -12.87 -14.83
CA VAL B 50 -17.46 -12.09 -14.97
C VAL B 50 -17.66 -11.04 -16.06
N ILE B 51 -16.79 -10.03 -16.05
CA ILE B 51 -16.84 -8.94 -17.01
C ILE B 51 -15.43 -8.68 -17.55
N ILE B 52 -15.33 -8.49 -18.86
CA ILE B 52 -14.08 -8.14 -19.50
C ILE B 52 -14.29 -6.85 -20.29
N LEU B 53 -13.41 -5.87 -20.08
CA LEU B 53 -13.48 -4.59 -20.77
C LEU B 53 -12.16 -4.32 -21.49
N THR B 54 -12.26 -4.01 -22.79
CA THR B 54 -11.11 -3.67 -23.63
C THR B 54 -11.52 -2.99 -24.93
N GLY B 55 -10.89 -1.85 -25.23
CA GLY B 55 -11.25 -1.11 -26.44
C GLY B 55 -10.92 -1.89 -27.70
N GLU B 56 -11.75 -1.67 -28.73
CA GLU B 56 -11.56 -2.37 -29.99
C GLU B 56 -10.48 -1.68 -30.82
N GLY B 57 -9.65 -2.48 -31.47
CA GLY B 57 -8.60 -1.96 -32.32
C GLY B 57 -7.26 -2.66 -32.10
N GLU B 58 -7.05 -3.14 -30.87
CA GLU B 58 -5.81 -3.79 -30.49
C GLU B 58 -4.60 -2.88 -30.66
N LYS B 59 -4.79 -1.58 -30.49
CA LYS B 59 -3.72 -0.59 -30.63
C LYS B 59 -3.62 0.34 -29.45
N ALA B 60 -4.74 0.73 -28.83
CA ALA B 60 -4.72 1.62 -27.68
C ALA B 60 -6.04 1.48 -26.94
N PHE B 61 -5.96 1.25 -25.63
CA PHE B 61 -7.16 0.96 -24.84
C PHE B 61 -8.14 2.12 -24.83
N SER B 62 -7.80 3.20 -24.13
CA SER B 62 -8.71 4.35 -24.00
C SER B 62 -7.94 5.66 -23.96
N ALA B 63 -6.95 5.82 -24.84
CA ALA B 63 -6.08 6.99 -24.75
C ALA B 63 -6.86 8.29 -24.97
N GLY B 64 -7.09 9.05 -23.91
CA GLY B 64 -7.93 10.22 -24.01
C GLY B 64 -7.46 11.42 -23.23
N ALA B 65 -6.14 11.63 -23.17
CA ALA B 65 -5.57 12.78 -22.50
C ALA B 65 -5.12 13.86 -23.47
N ASP B 66 -4.51 13.49 -24.58
CA ASP B 66 -4.01 14.45 -25.55
C ASP B 66 -4.48 14.11 -26.97
N ILE B 67 -5.65 13.49 -27.08
CA ILE B 67 -6.21 13.15 -28.39
C ILE B 67 -7.60 13.76 -28.55
N GLU B 68 -8.29 13.97 -27.42
CA GLU B 68 -9.65 14.50 -27.41
C GLU B 68 -9.83 15.32 -26.14
N TYR B 69 -10.05 16.62 -26.32
CA TYR B 69 -10.36 17.52 -25.22
C TYR B 69 -10.89 18.82 -25.80
N MET B 70 -12.06 19.23 -25.34
CA MET B 70 -12.76 20.38 -25.90
C MET B 70 -12.99 21.49 -24.91
N SER B 71 -13.01 21.19 -23.61
CA SER B 71 -13.38 22.17 -22.60
C SER B 71 -12.32 23.27 -22.53
N LYS B 72 -12.67 24.45 -23.03
CA LYS B 72 -11.84 25.64 -22.90
C LYS B 72 -12.65 26.86 -22.45
N ILE B 73 -13.83 26.63 -21.87
CA ILE B 73 -14.73 27.71 -21.46
C ILE B 73 -15.71 27.13 -20.46
N SER B 74 -16.37 28.01 -19.69
CA SER B 74 -17.40 27.62 -18.73
C SER B 74 -16.83 26.66 -17.67
N ALA B 75 -15.92 27.23 -16.85
CA ALA B 75 -15.26 26.46 -15.81
C ALA B 75 -16.24 25.87 -14.80
N ASP B 76 -17.45 26.42 -14.69
CA ASP B 76 -18.44 25.85 -13.79
C ASP B 76 -18.84 24.44 -14.20
N GLU B 77 -18.84 24.16 -15.51
CA GLU B 77 -19.22 22.84 -16.01
C GLU B 77 -18.14 21.79 -15.77
N SER B 78 -17.01 22.17 -15.18
CA SER B 78 -15.96 21.19 -14.87
C SER B 78 -16.47 20.15 -13.88
N VAL B 79 -17.21 20.60 -12.86
CA VAL B 79 -17.86 19.65 -11.95
C VAL B 79 -18.85 18.77 -12.72
N GLU B 80 -19.62 19.38 -13.63
CA GLU B 80 -20.48 18.59 -14.51
C GLU B 80 -19.66 17.61 -15.33
N TYR B 81 -18.46 18.01 -15.75
CA TYR B 81 -17.57 17.08 -16.42
C TYR B 81 -16.90 16.12 -15.44
N ALA B 82 -16.61 16.57 -14.22
CA ALA B 82 -16.02 15.70 -13.22
C ALA B 82 -17.03 14.75 -12.61
N LYS B 83 -18.30 15.16 -12.49
CA LYS B 83 -19.32 14.29 -11.93
C LYS B 83 -19.59 13.08 -12.82
N THR B 84 -19.52 13.27 -14.14
CA THR B 84 -19.79 12.18 -15.07
C THR B 84 -18.80 11.03 -14.87
N GLY B 85 -17.52 11.36 -14.71
CA GLY B 85 -16.55 10.33 -14.43
C GLY B 85 -16.79 9.63 -13.11
N GLN B 86 -17.15 10.39 -12.08
CA GLN B 86 -17.45 9.78 -10.78
C GLN B 86 -18.64 8.84 -10.88
N LEU B 87 -19.69 9.24 -11.59
CA LEU B 87 -20.81 8.33 -11.83
C LEU B 87 -20.40 7.15 -12.70
N VAL B 88 -19.44 7.34 -13.61
CA VAL B 88 -18.96 6.26 -14.46
C VAL B 88 -17.88 5.41 -13.79
N THR B 89 -17.25 5.91 -12.73
CA THR B 89 -16.29 5.11 -11.97
C THR B 89 -16.88 4.46 -10.74
N ALA B 90 -17.89 5.08 -10.11
CA ALA B 90 -18.57 4.44 -9.00
C ALA B 90 -19.43 3.27 -9.47
N THR B 91 -19.98 3.36 -10.68
CA THR B 91 -20.80 2.27 -11.21
C THR B 91 -19.95 1.03 -11.46
N VAL B 92 -18.78 1.20 -12.07
CA VAL B 92 -17.92 0.05 -12.37
C VAL B 92 -17.32 -0.52 -11.09
N GLU B 93 -16.93 0.34 -10.15
CA GLU B 93 -16.32 -0.13 -8.91
C GLU B 93 -17.30 -0.93 -8.06
N LEU B 94 -18.60 -0.59 -8.12
CA LEU B 94 -19.61 -1.25 -7.31
C LEU B 94 -20.24 -2.46 -8.00
N VAL B 95 -20.12 -2.55 -9.33
CA VAL B 95 -20.92 -3.47 -10.13
C VAL B 95 -20.84 -4.91 -9.61
N LYS B 96 -21.89 -5.70 -9.88
CA LYS B 96 -22.08 -6.97 -9.18
C LYS B 96 -20.88 -7.90 -9.32
N GLN B 97 -20.23 -7.90 -10.48
CA GLN B 97 -19.17 -8.84 -10.77
C GLN B 97 -17.86 -8.09 -11.02
N PRO B 98 -16.72 -8.74 -10.82
CA PRO B 98 -15.44 -8.09 -11.13
C PRO B 98 -15.31 -7.80 -12.61
N THR B 99 -14.58 -6.73 -12.91
CA THR B 99 -14.34 -6.31 -14.29
C THR B 99 -12.85 -6.55 -14.59
N ILE B 100 -12.59 -7.30 -15.66
CA ILE B 100 -11.23 -7.62 -16.07
C ILE B 100 -10.84 -6.67 -17.19
N ALA B 101 -9.74 -5.96 -16.99
CA ALA B 101 -9.23 -5.00 -17.97
C ALA B 101 -8.05 -5.63 -18.69
N ALA B 102 -8.23 -5.93 -19.98
CA ALA B 102 -7.19 -6.51 -20.83
C ALA B 102 -6.51 -5.46 -21.70
N VAL B 103 -6.27 -4.29 -21.12
CA VAL B 103 -5.69 -3.13 -21.80
C VAL B 103 -4.51 -3.52 -22.68
N ASN B 104 -4.54 -3.12 -23.94
CA ASN B 104 -3.53 -3.45 -24.94
C ASN B 104 -3.18 -2.17 -25.70
N GLY B 105 -2.16 -1.46 -25.22
CA GLY B 105 -1.70 -0.24 -25.85
C GLY B 105 -1.79 0.95 -24.91
N PHE B 106 -2.10 2.11 -25.48
CA PHE B 106 -2.14 3.35 -24.72
C PHE B 106 -3.31 3.34 -23.74
N ALA B 107 -3.07 3.87 -22.54
CA ALA B 107 -4.14 4.11 -21.57
C ALA B 107 -3.69 5.29 -20.72
N LEU B 108 -4.14 6.50 -21.07
CA LEU B 108 -3.73 7.71 -20.38
C LEU B 108 -4.90 8.66 -20.20
N GLY B 109 -4.75 9.55 -19.22
CA GLY B 109 -5.79 10.54 -18.97
C GLY B 109 -7.04 9.90 -18.39
N GLY B 110 -8.20 10.24 -18.98
CA GLY B 110 -9.44 9.61 -18.57
C GLY B 110 -9.43 8.12 -18.78
N GLY B 111 -8.78 7.66 -19.85
CA GLY B 111 -8.64 6.23 -20.05
C GLY B 111 -7.77 5.57 -19.00
N CYS B 112 -6.73 6.27 -18.54
CA CYS B 112 -5.96 5.78 -17.40
C CYS B 112 -6.83 5.66 -16.15
N GLU B 113 -7.83 6.53 -16.01
CA GLU B 113 -8.75 6.50 -14.89
C GLU B 113 -9.79 5.40 -15.00
N LEU B 114 -9.80 4.62 -16.09
CA LEU B 114 -10.76 3.54 -16.28
C LEU B 114 -10.22 2.20 -15.83
N ALA B 115 -8.99 1.85 -16.22
CA ALA B 115 -8.43 0.56 -15.86
C ALA B 115 -8.20 0.44 -14.36
N MET B 116 -7.76 1.53 -13.72
CA MET B 116 -7.52 1.52 -12.28
C MET B 116 -8.81 1.33 -11.49
N SER B 117 -9.96 1.72 -12.05
CA SER B 117 -11.23 1.45 -11.39
C SER B 117 -11.62 -0.03 -11.48
N CYS B 118 -11.02 -0.78 -12.39
CA CYS B 118 -11.31 -2.20 -12.52
C CYS B 118 -10.69 -2.98 -11.36
N ASP B 119 -11.23 -4.18 -11.14
CA ASP B 119 -10.76 -5.01 -10.03
C ASP B 119 -9.36 -5.55 -10.31
N ILE B 120 -9.15 -6.12 -11.49
CA ILE B 120 -7.89 -6.73 -11.87
C ILE B 120 -7.46 -6.19 -13.23
N ARG B 121 -6.19 -5.85 -13.37
CA ARG B 121 -5.64 -5.28 -14.59
C ARG B 121 -4.56 -6.20 -15.15
N ILE B 122 -4.72 -6.56 -16.43
CA ILE B 122 -3.72 -7.31 -17.17
C ILE B 122 -3.43 -6.55 -18.46
N ALA B 123 -2.15 -6.25 -18.70
CA ALA B 123 -1.75 -5.38 -19.80
C ALA B 123 -0.86 -6.12 -20.78
N ALA B 124 -0.86 -5.65 -22.02
CA ALA B 124 0.03 -6.18 -23.04
C ALA B 124 1.45 -5.68 -22.78
N ASP B 125 2.41 -6.28 -23.51
CA ASP B 125 3.81 -5.95 -23.31
C ASP B 125 4.10 -4.48 -23.61
N THR B 126 3.48 -3.94 -24.66
CA THR B 126 3.65 -2.53 -25.01
C THR B 126 2.49 -1.70 -24.45
N ALA B 127 2.53 -1.52 -23.14
CA ALA B 127 1.58 -0.67 -22.44
C ALA B 127 2.23 0.68 -22.16
N LYS B 128 1.48 1.76 -22.39
CA LYS B 128 1.95 3.13 -22.19
C LYS B 128 0.96 3.84 -21.29
N LEU B 129 1.17 3.71 -19.98
CA LEU B 129 0.30 4.32 -18.97
C LEU B 129 0.82 5.71 -18.61
N GLY B 130 0.29 6.28 -17.53
CA GLY B 130 0.73 7.58 -17.07
C GLY B 130 -0.17 8.70 -17.56
N GLN B 131 -0.57 9.59 -16.67
CA GLN B 131 -1.49 10.66 -17.01
C GLN B 131 -0.71 11.90 -17.39
N PRO B 132 -0.76 12.36 -18.65
CA PRO B 132 -0.15 13.65 -19.00
C PRO B 132 -1.12 14.78 -18.77
N GLU B 133 -2.18 14.53 -17.99
CA GLU B 133 -3.17 15.57 -17.72
C GLU B 133 -2.55 16.77 -17.02
N VAL B 134 -1.44 16.57 -16.30
CA VAL B 134 -0.75 17.70 -15.68
C VAL B 134 -0.09 18.59 -16.73
N THR B 135 0.41 18.01 -17.82
CA THR B 135 0.95 18.83 -18.91
C THR B 135 -0.13 19.74 -19.50
N ILE B 136 -1.38 19.29 -19.48
CA ILE B 136 -2.47 20.14 -19.95
C ILE B 136 -2.63 21.35 -19.03
N GLY B 137 -2.58 21.14 -17.72
CA GLY B 137 -2.68 22.24 -16.77
C GLY B 137 -3.48 21.95 -15.52
N VAL B 138 -4.38 20.96 -15.59
CA VAL B 138 -5.24 20.63 -14.46
C VAL B 138 -4.96 19.22 -13.98
N PRO B 139 -5.09 18.93 -12.69
CA PRO B 139 -4.80 17.58 -12.18
C PRO B 139 -5.80 16.57 -12.73
N PRO B 140 -5.56 15.25 -12.53
CA PRO B 140 -6.50 14.24 -13.03
C PRO B 140 -7.95 14.49 -12.62
N GLY B 141 -8.88 13.95 -13.41
CA GLY B 141 -10.27 14.36 -13.34
C GLY B 141 -11.19 13.60 -12.40
N TRP B 142 -11.23 12.28 -12.51
CA TRP B 142 -12.20 11.50 -11.75
C TRP B 142 -11.50 10.53 -10.81
N GLY B 143 -10.50 11.04 -10.09
CA GLY B 143 -9.65 10.21 -9.27
C GLY B 143 -8.20 10.53 -9.52
N GLY B 144 -7.39 9.52 -9.81
CA GLY B 144 -5.99 9.76 -10.10
C GLY B 144 -5.24 10.15 -8.85
N THR B 145 -5.61 11.30 -8.28
CA THR B 145 -5.13 11.69 -6.98
C THR B 145 -5.65 10.80 -5.86
N GLN B 146 -6.69 10.00 -6.13
CA GLN B 146 -7.32 9.18 -5.12
C GLN B 146 -7.20 7.68 -5.40
N ARG B 147 -7.59 7.23 -6.58
CA ARG B 147 -7.61 5.79 -6.85
C ARG B 147 -6.21 5.19 -6.94
N LEU B 148 -5.18 6.00 -7.10
CA LEU B 148 -3.81 5.50 -7.20
C LEU B 148 -3.09 5.46 -5.85
N MET B 149 -3.73 5.93 -4.77
CA MET B 149 -3.12 5.92 -3.45
C MET B 149 -3.39 4.63 -2.68
N ARG B 150 -4.09 3.67 -3.27
CA ARG B 150 -4.37 2.40 -2.62
C ARG B 150 -4.04 1.20 -3.51
N ILE B 151 -3.24 1.40 -4.55
CA ILE B 151 -2.92 0.33 -5.49
C ILE B 151 -1.40 0.11 -5.52
N VAL B 152 -0.65 1.13 -5.89
CA VAL B 152 0.80 1.05 -5.99
C VAL B 152 1.49 1.52 -4.71
N GLY B 153 1.01 2.60 -4.12
CA GLY B 153 1.60 3.13 -2.92
C GLY B 153 1.46 4.65 -2.90
N ILE B 154 1.90 5.22 -1.77
CA ILE B 154 1.83 6.68 -1.61
C ILE B 154 3.04 7.39 -2.21
N ALA B 155 4.18 6.70 -2.35
CA ALA B 155 5.38 7.32 -2.90
C ALA B 155 5.48 7.15 -4.40
N LYS B 156 5.27 5.93 -4.90
CA LYS B 156 5.40 5.64 -6.32
C LYS B 156 4.20 6.11 -7.14
N ALA B 157 3.20 6.73 -6.50
CA ALA B 157 2.10 7.35 -7.21
C ALA B 157 2.28 8.84 -7.42
N LYS B 158 3.14 9.48 -6.62
CA LYS B 158 3.45 10.90 -6.84
C LYS B 158 4.16 11.09 -8.17
N GLU B 159 5.03 10.16 -8.54
CA GLU B 159 5.87 10.34 -9.71
C GLU B 159 5.04 10.51 -10.99
N LEU B 160 4.00 9.70 -11.15
CA LEU B 160 3.16 9.81 -12.34
C LEU B 160 2.34 11.09 -12.34
N VAL B 161 1.75 11.43 -11.19
CA VAL B 161 0.85 12.59 -11.15
C VAL B 161 1.61 13.90 -11.34
N TYR B 162 2.80 14.00 -10.73
CA TYR B 162 3.53 15.26 -10.77
C TYR B 162 4.24 15.46 -12.11
N THR B 163 5.11 14.53 -12.49
CA THR B 163 5.84 14.66 -13.76
C THR B 163 4.89 14.64 -14.94
N GLY B 164 4.27 13.49 -15.19
CA GLY B 164 3.39 13.32 -16.33
C GLY B 164 4.17 12.77 -17.50
N LYS B 165 4.02 11.49 -17.78
CA LYS B 165 4.86 10.83 -18.79
C LYS B 165 4.25 9.46 -19.11
N MET B 166 4.98 8.66 -19.88
CA MET B 166 4.53 7.34 -20.30
C MET B 166 5.59 6.32 -19.94
N ILE B 167 5.15 5.21 -19.35
CA ILE B 167 6.06 4.13 -18.97
C ILE B 167 5.64 2.85 -19.68
N LYS B 168 6.37 1.76 -19.43
CA LYS B 168 6.11 0.48 -20.09
C LYS B 168 5.37 -0.45 -19.14
N ALA B 169 4.94 -1.59 -19.71
CA ALA B 169 4.21 -2.58 -18.92
C ALA B 169 5.08 -3.17 -17.81
N GLU B 170 6.34 -3.45 -18.12
CA GLU B 170 7.22 -4.08 -17.13
C GLU B 170 7.44 -3.18 -15.92
N GLU B 171 7.60 -1.87 -16.15
CA GLU B 171 7.63 -0.95 -15.03
C GLU B 171 6.31 -0.95 -14.27
N ALA B 172 5.20 -0.91 -15.00
CA ALA B 172 3.90 -1.06 -14.35
C ALA B 172 3.75 -2.42 -13.69
N LYS B 173 4.37 -3.45 -14.28
CA LYS B 173 4.47 -4.74 -13.60
C LYS B 173 5.29 -4.63 -12.32
N GLU B 174 6.41 -3.90 -12.37
CA GLU B 174 7.26 -3.76 -11.19
C GLU B 174 6.56 -2.95 -10.10
N ILE B 175 6.00 -1.79 -10.46
CA ILE B 175 5.31 -0.97 -9.48
C ILE B 175 3.99 -1.60 -9.05
N GLY B 176 3.44 -2.51 -9.84
CA GLY B 176 2.18 -3.14 -9.54
C GLY B 176 0.97 -2.46 -10.12
N LEU B 177 1.14 -1.54 -11.08
CA LEU B 177 0.00 -0.86 -11.69
C LEU B 177 -0.90 -1.85 -12.42
N VAL B 178 -0.31 -2.75 -13.20
CA VAL B 178 -1.01 -3.86 -13.82
C VAL B 178 -0.44 -5.16 -13.24
N ASN B 179 -1.33 -6.03 -12.79
CA ASN B 179 -0.90 -7.22 -12.03
C ASN B 179 -0.02 -8.13 -12.88
N HIS B 180 -0.58 -8.68 -13.95
CA HIS B 180 0.15 -9.58 -14.83
C HIS B 180 0.35 -8.95 -16.20
N VAL B 181 1.54 -9.13 -16.75
CA VAL B 181 1.89 -8.61 -18.08
C VAL B 181 2.11 -9.80 -19.01
N VAL B 182 1.42 -9.79 -20.14
CA VAL B 182 1.48 -10.90 -21.10
C VAL B 182 1.67 -10.32 -22.49
N PRO B 183 2.22 -11.11 -23.42
CA PRO B 183 2.40 -10.62 -24.79
C PRO B 183 1.05 -10.28 -25.43
N LEU B 184 1.09 -9.33 -26.36
CA LEU B 184 -0.14 -8.89 -27.03
C LEU B 184 -0.83 -10.05 -27.73
N ALA B 185 -0.05 -10.99 -28.27
CA ALA B 185 -0.63 -12.15 -28.95
C ALA B 185 -1.27 -13.14 -27.99
N SER B 186 -1.05 -13.01 -26.68
CA SER B 186 -1.59 -13.93 -25.69
C SER B 186 -2.27 -13.19 -24.55
N LEU B 187 -2.94 -12.07 -24.85
CA LEU B 187 -3.67 -11.30 -23.85
C LEU B 187 -5.18 -11.42 -23.99
N GLN B 188 -5.71 -11.19 -25.19
CA GLN B 188 -7.15 -11.31 -25.39
C GLN B 188 -7.62 -12.73 -25.12
N GLU B 189 -6.84 -13.72 -25.54
CA GLU B 189 -7.14 -15.10 -25.20
C GLU B 189 -6.99 -15.35 -23.71
N GLU B 190 -5.98 -14.74 -23.08
CA GLU B 190 -5.73 -14.98 -21.66
C GLU B 190 -6.76 -14.29 -20.76
N ALA B 191 -7.28 -13.14 -21.18
CA ALA B 191 -8.36 -12.51 -20.43
C ALA B 191 -9.58 -13.41 -20.38
N LEU B 192 -9.83 -14.16 -21.45
CA LEU B 192 -10.88 -15.17 -21.47
C LEU B 192 -10.53 -16.41 -20.65
N LYS B 193 -9.32 -16.48 -20.09
CA LYS B 193 -8.89 -17.61 -19.26
C LYS B 193 -9.01 -17.32 -17.78
N MET B 194 -8.52 -16.16 -17.33
CA MET B 194 -8.63 -15.80 -15.91
C MET B 194 -10.09 -15.70 -15.48
N ALA B 195 -10.94 -15.16 -16.34
CA ALA B 195 -12.36 -15.07 -16.03
C ALA B 195 -13.02 -16.45 -15.97
N GLN B 196 -12.56 -17.39 -16.80
CA GLN B 196 -13.19 -18.71 -16.83
C GLN B 196 -12.93 -19.51 -15.55
N GLN B 197 -11.79 -19.29 -14.90
CA GLN B 197 -11.60 -19.85 -13.57
C GLN B 197 -12.62 -19.26 -12.59
N ILE B 198 -12.88 -17.96 -12.70
CA ILE B 198 -13.92 -17.33 -11.90
C ILE B 198 -15.30 -17.84 -12.33
N ALA B 199 -15.50 -18.01 -13.64
CA ALA B 199 -16.82 -18.38 -14.16
C ALA B 199 -17.28 -19.73 -13.64
N GLY B 200 -16.36 -20.62 -13.30
CA GLY B 200 -16.70 -21.90 -12.72
C GLY B 200 -16.78 -21.91 -11.21
N ASN B 201 -16.68 -20.75 -10.57
CA ASN B 201 -16.67 -20.64 -9.12
C ASN B 201 -18.08 -20.35 -8.60
N SER B 202 -18.18 -20.03 -7.31
CA SER B 202 -19.48 -19.74 -6.71
C SER B 202 -20.03 -18.43 -7.24
N THR B 203 -21.34 -18.42 -7.51
CA THR B 203 -21.98 -17.19 -7.99
C THR B 203 -22.13 -16.16 -6.88
N MET B 204 -22.47 -16.62 -5.67
CA MET B 204 -22.72 -15.70 -4.56
C MET B 204 -21.47 -15.33 -3.79
N GLY B 205 -20.41 -16.12 -3.88
CA GLY B 205 -19.17 -15.80 -3.18
C GLY B 205 -18.39 -14.68 -3.83
N VAL B 206 -18.37 -14.65 -5.16
CA VAL B 206 -17.64 -13.61 -5.87
C VAL B 206 -18.32 -12.26 -5.72
N GLN B 207 -19.65 -12.23 -5.82
CA GLN B 207 -20.39 -10.97 -5.70
C GLN B 207 -20.27 -10.40 -4.29
N MET B 208 -20.44 -11.24 -3.27
CA MET B 208 -20.37 -10.77 -1.89
C MET B 208 -18.98 -10.27 -1.54
N SER B 209 -17.94 -10.97 -1.99
CA SER B 209 -16.57 -10.56 -1.68
C SER B 209 -16.25 -9.20 -2.29
N LYS B 210 -16.75 -8.94 -3.50
CA LYS B 210 -16.57 -7.62 -4.10
C LYS B 210 -17.26 -6.54 -3.26
N VAL B 211 -18.47 -6.82 -2.80
CA VAL B 211 -19.17 -5.88 -1.93
C VAL B 211 -18.45 -5.73 -0.59
N ALA B 212 -17.97 -6.85 -0.03
CA ALA B 212 -17.30 -6.80 1.26
C ALA B 212 -16.01 -6.00 1.20
N ILE B 213 -15.27 -6.09 0.10
CA ILE B 213 -13.98 -5.44 0.03
C ILE B 213 -14.11 -3.97 -0.38
N ASN B 214 -14.96 -3.68 -1.37
CA ASN B 214 -15.05 -2.33 -1.90
C ASN B 214 -15.61 -1.33 -0.88
N LYS B 215 -16.33 -1.80 0.14
CA LYS B 215 -16.80 -0.93 1.21
C LYS B 215 -16.02 -1.10 2.51
N GLY B 216 -15.05 -2.02 2.55
CA GLY B 216 -14.16 -2.16 3.69
C GLY B 216 -12.88 -1.36 3.61
N ARG B 217 -12.58 -0.80 2.44
CA ARG B 217 -11.41 0.04 2.23
C ARG B 217 -11.58 1.45 2.77
N ASN B 218 -12.77 1.80 3.25
CA ASN B 218 -13.12 3.18 3.56
C ASN B 218 -13.27 3.44 5.06
N ALA B 219 -12.94 2.47 5.91
CA ALA B 219 -13.18 2.62 7.35
C ALA B 219 -12.02 1.99 8.10
N ASP B 220 -12.19 1.85 9.41
CA ASP B 220 -11.20 1.19 10.25
C ASP B 220 -11.21 -0.31 9.99
N LEU B 221 -10.11 -0.96 10.38
CA LEU B 221 -10.03 -2.41 10.28
C LEU B 221 -11.08 -3.08 11.16
N ASP B 222 -11.24 -2.60 12.39
CA ASP B 222 -12.27 -3.14 13.27
C ASP B 222 -13.67 -2.85 12.74
N THR B 223 -13.89 -1.65 12.22
CA THR B 223 -15.21 -1.23 11.78
C THR B 223 -15.49 -1.57 10.32
N GLY B 224 -14.46 -1.90 9.55
CA GLY B 224 -14.67 -2.51 8.24
C GLY B 224 -14.74 -4.02 8.31
N LEU B 225 -14.39 -4.58 9.46
CA LEU B 225 -14.51 -6.02 9.67
C LEU B 225 -15.97 -6.46 9.67
N GLY B 226 -16.88 -5.58 10.07
CA GLY B 226 -18.30 -5.90 10.04
C GLY B 226 -18.81 -6.19 8.65
N LEU B 227 -18.19 -5.60 7.62
CA LEU B 227 -18.63 -5.84 6.25
C LEU B 227 -18.52 -7.31 5.87
N GLU B 228 -17.41 -7.95 6.28
CA GLU B 228 -17.20 -9.36 5.93
C GLU B 228 -18.18 -10.27 6.66
N ILE B 229 -18.32 -10.09 7.98
CA ILE B 229 -19.17 -10.99 8.77
C ILE B 229 -20.63 -10.88 8.33
N LEU B 230 -21.10 -9.66 8.08
CA LEU B 230 -22.48 -9.48 7.62
C LEU B 230 -22.71 -10.22 6.30
N ALA B 231 -21.76 -10.11 5.36
CA ALA B 231 -21.84 -10.88 4.12
C ALA B 231 -21.43 -12.33 4.31
N TRP B 232 -20.76 -12.66 5.43
CA TRP B 232 -20.39 -14.04 5.69
C TRP B 232 -21.62 -14.91 5.86
N ARG B 233 -22.55 -14.48 6.71
CA ARG B 233 -23.77 -15.24 6.95
C ARG B 233 -24.86 -14.93 5.91
N ASN B 234 -24.60 -14.01 4.98
CA ASN B 234 -25.55 -13.79 3.88
C ASN B 234 -25.53 -14.92 2.87
N CYS B 235 -24.44 -15.71 2.82
CA CYS B 235 -24.32 -16.82 1.89
C CYS B 235 -24.47 -18.18 2.57
N PHE B 236 -25.03 -18.20 3.78
CA PHE B 236 -25.27 -19.43 4.52
C PHE B 236 -26.69 -19.95 4.39
N THR B 237 -27.48 -19.39 3.47
CA THR B 237 -28.82 -19.87 3.19
C THR B 237 -29.03 -20.23 1.73
N HIS B 238 -28.00 -20.05 0.87
CA HIS B 238 -28.03 -20.39 -0.55
C HIS B 238 -27.35 -21.73 -0.77
N PRO B 239 -27.80 -22.49 -1.77
CA PRO B 239 -27.23 -23.84 -1.98
C PRO B 239 -25.73 -23.85 -2.30
N ASP B 240 -25.13 -22.70 -2.62
CA ASP B 240 -23.71 -22.68 -2.92
C ASP B 240 -22.88 -23.20 -1.76
N ARG B 241 -23.30 -22.90 -0.53
CA ARG B 241 -22.56 -23.37 0.65
C ARG B 241 -22.55 -24.89 0.73
N GLN B 242 -23.69 -25.52 0.48
CA GLN B 242 -23.85 -26.95 0.72
C GLN B 242 -23.73 -27.80 -0.54
N GLU B 243 -24.42 -27.43 -1.61
CA GLU B 243 -24.39 -28.21 -2.84
C GLU B 243 -23.01 -28.17 -3.49
N HIS C 1 -3.10 -30.51 23.64
CA HIS C 1 -3.03 -30.87 22.23
C HIS C 1 -2.10 -29.91 21.49
N MET C 2 -1.07 -29.45 22.18
CA MET C 2 -0.14 -28.47 21.63
C MET C 2 1.15 -28.53 22.45
N SER C 3 2.06 -27.58 22.19
CA SER C 3 3.30 -27.48 22.93
C SER C 3 3.88 -26.08 22.75
N LEU C 4 4.74 -25.70 23.68
CA LEU C 4 5.39 -24.40 23.64
C LEU C 4 6.74 -24.50 24.34
N VAL C 5 7.75 -23.85 23.74
CA VAL C 5 9.12 -23.84 24.27
C VAL C 5 9.60 -22.41 24.31
N THR C 6 10.20 -22.00 25.43
CA THR C 6 10.72 -20.65 25.61
C THR C 6 12.17 -20.74 26.03
N THR C 7 13.06 -20.13 25.23
CA THR C 7 14.48 -20.01 25.56
C THR C 7 15.12 -19.06 24.56
N SER C 8 16.09 -18.27 25.05
CA SER C 8 16.83 -17.32 24.22
C SER C 8 17.98 -16.79 25.05
N THR C 9 18.71 -15.83 24.47
CA THR C 9 19.67 -15.05 25.24
C THR C 9 18.91 -14.28 26.32
N SER C 10 19.16 -14.64 27.58
CA SER C 10 18.36 -14.19 28.72
C SER C 10 16.94 -14.73 28.71
N ASP C 11 16.70 -15.81 27.94
CA ASP C 11 15.43 -16.55 27.94
C ASP C 11 14.25 -15.64 27.58
N GLY C 12 14.29 -15.16 26.33
CA GLY C 12 13.29 -14.20 25.87
C GLY C 12 12.35 -14.65 24.78
N ILE C 13 12.79 -15.52 23.88
CA ILE C 13 11.99 -15.89 22.71
C ILE C 13 11.29 -17.22 22.97
N CYS C 14 10.08 -17.34 22.42
CA CYS C 14 9.24 -18.52 22.58
C CYS C 14 9.02 -19.19 21.24
N THR C 15 8.48 -20.41 21.28
CA THR C 15 8.21 -21.18 20.08
C THR C 15 6.94 -21.99 20.31
N VAL C 16 5.90 -21.70 19.54
CA VAL C 16 4.63 -22.42 19.62
C VAL C 16 4.41 -23.16 18.32
N LYS C 17 3.89 -24.39 18.42
CA LYS C 17 3.65 -25.22 17.25
C LYS C 17 2.28 -25.85 17.35
N ILE C 18 1.57 -25.89 16.22
CA ILE C 18 0.28 -26.58 16.14
C ILE C 18 0.58 -28.07 15.99
N ASN C 19 0.55 -28.80 17.10
CA ASN C 19 1.01 -30.18 17.14
C ASN C 19 -0.09 -31.20 16.85
N ARG C 20 -1.08 -30.83 16.04
CA ARG C 20 -2.10 -31.75 15.59
C ARG C 20 -1.70 -32.24 14.19
N PRO C 21 -0.98 -33.36 14.09
CA PRO C 21 -0.34 -33.72 12.82
C PRO C 21 -1.21 -34.54 11.88
N ASP C 22 -2.18 -35.27 12.43
CA ASP C 22 -2.90 -36.29 11.65
C ASP C 22 -3.62 -35.68 10.46
N LYS C 23 -4.39 -34.60 10.69
CA LYS C 23 -5.09 -33.91 9.63
C LYS C 23 -4.37 -32.66 9.16
N LEU C 24 -3.04 -32.62 9.34
CA LEU C 24 -2.18 -31.57 8.79
C LEU C 24 -2.48 -30.19 9.39
N ASN C 25 -2.60 -30.16 10.72
CA ASN C 25 -2.66 -28.92 11.49
C ASN C 25 -3.75 -27.97 10.99
N ALA C 26 -4.94 -28.53 10.77
CA ALA C 26 -6.05 -27.72 10.27
C ALA C 26 -6.60 -26.83 11.38
N MET C 27 -7.44 -25.88 10.99
CA MET C 27 -8.09 -24.97 11.91
C MET C 27 -9.55 -25.35 12.05
N ASN C 28 -9.99 -25.56 13.29
CA ASN C 28 -11.37 -25.95 13.56
C ASN C 28 -11.81 -25.27 14.86
N THR C 29 -12.96 -25.71 15.39
CA THR C 29 -13.49 -25.12 16.60
C THR C 29 -12.62 -25.46 17.82
N ASP C 30 -12.16 -26.70 17.90
CA ASP C 30 -11.46 -27.18 19.10
C ASP C 30 -10.04 -26.64 19.23
N VAL C 31 -9.45 -26.16 18.14
CA VAL C 31 -8.05 -25.72 18.14
C VAL C 31 -8.00 -24.19 18.25
N ALA C 32 -8.99 -23.51 17.67
CA ALA C 32 -8.99 -22.06 17.71
C ALA C 32 -9.01 -21.52 19.14
N LYS C 33 -9.85 -22.10 20.00
CA LYS C 33 -9.86 -21.70 21.40
C LYS C 33 -8.52 -21.98 22.07
N GLU C 34 -7.84 -23.05 21.67
CA GLU C 34 -6.52 -23.34 22.23
C GLU C 34 -5.53 -22.22 21.91
N LEU C 35 -5.55 -21.71 20.68
CA LEU C 35 -4.64 -20.64 20.29
C LEU C 35 -4.96 -19.35 21.04
N ILE C 36 -6.23 -19.10 21.33
CA ILE C 36 -6.58 -17.89 22.08
C ILE C 36 -6.26 -18.04 23.56
N LYS C 37 -6.36 -19.26 24.10
CA LYS C 37 -5.99 -19.48 25.49
C LYS C 37 -4.48 -19.53 25.67
N THR C 38 -3.76 -20.09 24.69
CA THR C 38 -2.32 -20.26 24.82
C THR C 38 -1.61 -18.91 24.88
N PHE C 39 -2.05 -17.95 24.07
CA PHE C 39 -1.48 -16.61 24.09
C PHE C 39 -2.00 -15.77 25.27
N GLU C 40 -2.88 -16.34 26.09
CA GLU C 40 -3.23 -15.80 27.40
C GLU C 40 -4.05 -14.51 27.32
N GLU C 41 -5.01 -14.46 26.39
CA GLU C 41 -6.10 -13.48 26.41
C GLU C 41 -5.57 -12.04 26.41
N LEU C 42 -5.00 -11.67 25.26
CA LEU C 42 -4.58 -10.31 24.89
C LEU C 42 -3.25 -9.87 25.50
N ASN C 43 -2.61 -10.70 26.32
CA ASN C 43 -1.37 -10.28 26.97
C ASN C 43 -0.55 -11.51 27.35
N HIS C 44 0.74 -11.27 27.60
CA HIS C 44 1.68 -12.32 27.93
C HIS C 44 2.62 -11.80 29.01
N ASN C 45 3.55 -12.65 29.45
CA ASN C 45 4.43 -12.31 30.56
C ASN C 45 5.60 -11.44 30.09
N ASP C 46 6.40 -10.99 31.06
CA ASP C 46 7.57 -10.18 30.74
C ASP C 46 8.78 -11.03 30.40
N ASP C 47 8.86 -12.25 30.92
CA ASP C 47 10.01 -13.11 30.64
C ASP C 47 10.14 -13.39 29.15
N VAL C 48 9.02 -13.65 28.47
CA VAL C 48 9.03 -13.88 27.03
C VAL C 48 9.05 -12.55 26.32
N LYS C 49 9.99 -12.38 25.39
CA LYS C 49 10.15 -11.15 24.62
C LYS C 49 9.71 -11.28 23.17
N VAL C 50 9.58 -12.51 22.66
CA VAL C 50 9.12 -12.74 21.29
C VAL C 50 8.54 -14.15 21.25
N ILE C 51 7.55 -14.35 20.39
CA ILE C 51 6.88 -15.64 20.23
C ILE C 51 7.00 -16.05 18.77
N ILE C 52 7.87 -17.03 18.50
CA ILE C 52 7.95 -17.63 17.18
C ILE C 52 6.86 -18.68 17.03
N LEU C 53 6.28 -18.77 15.84
CA LEU C 53 5.18 -19.68 15.58
C LEU C 53 5.40 -20.39 14.27
N THR C 54 5.18 -21.70 14.26
CA THR C 54 5.29 -22.52 13.06
C THR C 54 4.46 -23.78 13.25
N GLY C 55 4.58 -24.72 12.32
CA GLY C 55 3.88 -25.98 12.41
C GLY C 55 4.82 -27.16 12.56
N GLU C 56 4.63 -27.93 13.62
CA GLU C 56 5.50 -29.08 13.89
C GLU C 56 5.36 -30.13 12.80
N GLY C 57 6.50 -30.68 12.36
CA GLY C 57 6.47 -31.78 11.43
C GLY C 57 7.34 -31.60 10.20
N GLU C 58 7.63 -30.34 9.85
CA GLU C 58 8.33 -29.91 8.63
C GLU C 58 7.42 -30.01 7.40
N LYS C 59 6.20 -30.51 7.57
CA LYS C 59 5.20 -30.58 6.50
C LYS C 59 4.34 -29.31 6.55
N ALA C 60 3.17 -29.35 5.90
CA ALA C 60 2.33 -28.17 5.75
C ALA C 60 2.04 -27.48 7.08
N PHE C 61 1.98 -26.15 7.03
CA PHE C 61 1.66 -25.35 8.22
C PHE C 61 0.22 -25.58 8.67
N SER C 62 -0.73 -25.47 7.73
CA SER C 62 -2.14 -25.63 8.06
C SER C 62 -2.90 -25.89 6.78
N ALA C 63 -3.58 -27.04 6.70
CA ALA C 63 -4.47 -27.33 5.57
C ALA C 63 -5.91 -27.04 6.00
N GLY C 64 -6.18 -25.75 6.20
CA GLY C 64 -7.45 -25.31 6.73
C GLY C 64 -8.61 -25.36 5.75
N ALA C 65 -8.36 -25.72 4.50
CA ALA C 65 -9.43 -25.82 3.51
C ALA C 65 -9.31 -27.10 2.69
N ASP C 66 -8.87 -28.19 3.30
CA ASP C 66 -8.69 -29.44 2.57
C ASP C 66 -9.41 -30.62 3.22
N ILE C 67 -9.44 -30.67 4.56
CA ILE C 67 -10.04 -31.81 5.25
C ILE C 67 -11.04 -31.35 6.30
N GLU C 68 -11.08 -30.04 6.56
CA GLU C 68 -11.95 -29.48 7.59
C GLU C 68 -13.28 -29.11 6.93
N TYR C 69 -14.31 -29.91 7.19
CA TYR C 69 -15.61 -29.75 6.55
C TYR C 69 -16.73 -29.88 7.59
N MET C 70 -16.57 -29.22 8.73
CA MET C 70 -17.60 -29.23 9.77
C MET C 70 -18.55 -28.04 9.65
N SER C 71 -19.10 -27.82 8.46
CA SER C 71 -19.88 -26.62 8.21
C SER C 71 -21.28 -26.92 7.71
N LYS C 72 -21.97 -27.85 8.37
CA LYS C 72 -23.37 -28.13 8.11
C LYS C 72 -24.15 -27.84 9.39
N ILE C 73 -24.54 -26.59 9.56
CA ILE C 73 -25.29 -26.13 10.73
C ILE C 73 -26.22 -25.00 10.30
N SER C 74 -27.07 -24.57 11.22
CA SER C 74 -28.01 -23.50 10.92
C SER C 74 -27.27 -22.17 10.80
N ALA C 75 -27.93 -21.21 10.14
CA ALA C 75 -27.35 -19.88 9.96
C ALA C 75 -27.16 -19.15 11.29
N ASP C 76 -27.90 -19.52 12.32
CA ASP C 76 -27.72 -18.96 13.64
C ASP C 76 -26.58 -19.63 14.42
N GLU C 77 -25.95 -20.65 13.83
CA GLU C 77 -24.86 -21.36 14.47
C GLU C 77 -23.51 -21.09 13.79
N SER C 78 -23.43 -20.07 12.94
CA SER C 78 -22.21 -19.72 12.24
C SER C 78 -21.45 -18.57 12.90
N VAL C 79 -22.09 -17.83 13.80
CA VAL C 79 -21.40 -16.74 14.50
C VAL C 79 -20.25 -17.29 15.32
N GLU C 80 -20.47 -18.41 16.01
CA GLU C 80 -19.44 -18.99 16.86
C GLU C 80 -18.23 -19.49 16.06
N TYR C 81 -18.40 -19.78 14.77
CA TYR C 81 -17.26 -20.11 13.92
C TYR C 81 -16.73 -18.92 13.16
N ALA C 82 -17.42 -17.78 13.18
CA ALA C 82 -16.95 -16.56 12.54
C ALA C 82 -16.40 -15.56 13.54
N LYS C 83 -17.10 -15.35 14.66
CA LYS C 83 -16.61 -14.42 15.69
C LYS C 83 -15.38 -14.97 16.39
N THR C 84 -15.37 -16.26 16.71
CA THR C 84 -14.25 -16.85 17.45
C THR C 84 -12.94 -16.71 16.67
N GLY C 85 -12.98 -16.98 15.37
CA GLY C 85 -11.79 -16.82 14.55
C GLY C 85 -11.35 -15.37 14.46
N GLN C 86 -12.31 -14.44 14.39
CA GLN C 86 -11.96 -13.04 14.49
C GLN C 86 -11.30 -12.74 15.82
N LEU C 87 -11.84 -13.29 16.92
CA LEU C 87 -11.16 -13.24 18.20
C LEU C 87 -9.81 -13.95 18.13
N VAL C 88 -9.75 -15.04 17.35
CA VAL C 88 -8.48 -15.74 17.16
C VAL C 88 -7.51 -14.86 16.38
N THR C 89 -8.00 -14.17 15.35
CA THR C 89 -7.17 -13.24 14.59
C THR C 89 -7.11 -11.85 15.22
N ALA C 90 -7.86 -11.60 16.30
CA ALA C 90 -7.77 -10.31 16.98
C ALA C 90 -6.54 -10.22 17.85
N THR C 91 -6.37 -11.14 18.80
CA THR C 91 -5.18 -11.17 19.62
C THR C 91 -4.36 -12.41 19.26
N VAL C 92 -3.70 -12.30 18.12
CA VAL C 92 -2.47 -13.02 17.80
C VAL C 92 -1.53 -11.92 17.32
N GLU C 93 -2.06 -11.05 16.46
CA GLU C 93 -1.36 -9.86 15.99
C GLU C 93 -1.36 -8.73 17.00
N LEU C 94 -2.34 -8.67 17.90
CA LEU C 94 -2.47 -7.56 18.83
C LEU C 94 -1.92 -7.84 20.21
N VAL C 95 -1.26 -8.98 20.42
CA VAL C 95 -0.65 -9.26 21.70
C VAL C 95 0.51 -8.27 21.94
N LYS C 96 0.80 -8.00 23.20
CA LYS C 96 1.80 -6.99 23.53
C LYS C 96 3.22 -7.54 23.46
N GLN C 97 3.56 -8.20 22.35
CA GLN C 97 4.88 -8.76 22.11
C GLN C 97 4.99 -9.18 20.65
N PRO C 98 6.13 -8.97 20.00
CA PRO C 98 6.26 -9.30 18.58
C PRO C 98 6.08 -10.79 18.34
N THR C 99 5.46 -11.12 17.20
CA THR C 99 5.25 -12.49 16.79
C THR C 99 5.80 -12.67 15.38
N ILE C 100 6.59 -13.72 15.18
CA ILE C 100 7.22 -14.00 13.89
C ILE C 100 6.56 -15.25 13.32
N ALA C 101 6.11 -15.17 12.07
CA ALA C 101 5.41 -16.28 11.42
C ALA C 101 6.43 -17.05 10.60
N ALA C 102 6.87 -18.20 11.12
CA ALA C 102 7.72 -19.12 10.37
C ALA C 102 6.80 -19.95 9.47
N VAL C 103 6.49 -19.39 8.30
CA VAL C 103 5.59 -20.06 7.37
C VAL C 103 6.20 -21.39 6.95
N ASN C 104 5.34 -22.41 6.81
CA ASN C 104 5.85 -23.78 6.69
C ASN C 104 4.89 -24.55 5.78
N GLY C 105 5.17 -24.51 4.48
CA GLY C 105 4.33 -25.24 3.54
C GLY C 105 2.95 -24.61 3.37
N PHE C 106 1.92 -25.46 3.40
CA PHE C 106 0.58 -25.05 3.04
C PHE C 106 -0.01 -24.11 4.08
N ALA C 107 -0.85 -23.18 3.59
CA ALA C 107 -1.63 -22.29 4.45
C ALA C 107 -3.04 -22.10 3.92
N LEU C 108 -3.61 -23.12 3.30
CA LEU C 108 -4.89 -22.99 2.61
C LEU C 108 -6.01 -22.63 3.59
N GLY C 109 -6.87 -21.71 3.17
CA GLY C 109 -8.08 -21.38 3.90
C GLY C 109 -7.86 -20.62 5.19
N GLY C 110 -8.31 -21.20 6.31
CA GLY C 110 -8.26 -20.51 7.58
C GLY C 110 -6.85 -20.36 8.13
N GLY C 111 -5.93 -21.23 7.73
CA GLY C 111 -4.56 -21.13 8.20
C GLY C 111 -3.87 -19.86 7.75
N CYS C 112 -4.20 -19.37 6.55
CA CYS C 112 -3.58 -18.15 6.04
C CYS C 112 -3.94 -16.94 6.91
N GLU C 113 -5.20 -16.85 7.34
CA GLU C 113 -5.62 -15.71 8.15
C GLU C 113 -4.88 -15.67 9.48
N LEU C 114 -4.55 -16.83 10.04
CA LEU C 114 -3.67 -16.87 11.20
C LEU C 114 -2.29 -16.32 10.85
N ALA C 115 -1.76 -16.71 9.69
CA ALA C 115 -0.47 -16.18 9.26
C ALA C 115 -0.54 -14.67 9.02
N MET C 116 -1.62 -14.20 8.42
CA MET C 116 -1.80 -12.76 8.26
C MET C 116 -2.07 -12.07 9.59
N SER C 117 -2.39 -12.83 10.63
CA SER C 117 -2.50 -12.30 11.99
C SER C 117 -1.15 -12.28 12.69
N CYS C 118 -0.06 -12.29 11.95
CA CYS C 118 1.29 -12.20 12.50
C CYS C 118 1.99 -10.96 11.93
N ASP C 119 3.13 -10.63 12.53
CA ASP C 119 3.88 -9.45 12.12
C ASP C 119 4.77 -9.73 10.91
N ILE C 120 5.71 -10.65 11.07
CA ILE C 120 6.73 -10.94 10.06
C ILE C 120 6.59 -12.39 9.65
N ARG C 121 6.62 -12.64 8.33
CA ARG C 121 6.39 -13.97 7.77
C ARG C 121 7.66 -14.40 7.03
N ILE C 122 8.50 -15.18 7.70
CA ILE C 122 9.70 -15.74 7.09
C ILE C 122 9.30 -16.97 6.29
N ALA C 123 9.30 -16.87 4.98
CA ALA C 123 8.75 -17.89 4.12
C ALA C 123 9.81 -18.93 3.73
N ALA C 124 9.38 -19.90 2.92
CA ALA C 124 10.25 -20.96 2.42
C ALA C 124 9.79 -21.34 1.02
N ASP C 125 10.67 -22.00 0.28
CA ASP C 125 10.46 -22.26 -1.14
C ASP C 125 9.53 -23.44 -1.43
N THR C 126 8.76 -23.91 -0.45
CA THR C 126 7.88 -25.04 -0.65
C THR C 126 6.40 -24.70 -0.42
N ALA C 127 6.09 -23.48 0.01
CA ALA C 127 4.73 -23.14 0.40
C ALA C 127 3.82 -23.04 -0.84
N LYS C 128 2.53 -23.27 -0.60
CA LYS C 128 1.48 -23.16 -1.62
C LYS C 128 0.28 -22.51 -0.94
N LEU C 129 0.21 -21.18 -1.02
CA LEU C 129 -0.80 -20.41 -0.32
C LEU C 129 -2.10 -20.39 -1.12
N GLY C 130 -3.01 -19.50 -0.76
CA GLY C 130 -4.27 -19.37 -1.48
C GLY C 130 -5.49 -19.45 -0.57
N GLN C 131 -6.60 -18.87 -0.99
CA GLN C 131 -7.84 -18.86 -0.21
C GLN C 131 -8.97 -19.39 -1.09
N PRO C 132 -8.99 -20.70 -1.34
CA PRO C 132 -10.05 -21.26 -2.20
C PRO C 132 -11.34 -21.53 -1.44
N GLU C 133 -11.75 -20.59 -0.58
CA GLU C 133 -13.05 -20.70 0.06
C GLU C 133 -14.15 -20.15 -0.82
N VAL C 134 -13.83 -19.14 -1.65
CA VAL C 134 -14.82 -18.60 -2.58
C VAL C 134 -15.26 -19.67 -3.58
N THR C 135 -14.42 -20.67 -3.85
CA THR C 135 -14.80 -21.78 -4.69
C THR C 135 -15.89 -22.65 -4.08
N ILE C 136 -16.18 -22.47 -2.78
CA ILE C 136 -17.20 -23.24 -2.09
C ILE C 136 -18.42 -22.40 -1.72
N GLY C 137 -18.39 -21.10 -1.99
CA GLY C 137 -19.51 -20.24 -1.68
C GLY C 137 -19.40 -19.46 -0.38
N VAL C 138 -18.19 -19.06 0.01
CA VAL C 138 -17.99 -18.36 1.28
C VAL C 138 -16.69 -17.56 1.23
N PRO C 139 -16.67 -16.33 1.73
CA PRO C 139 -15.42 -15.55 1.76
C PRO C 139 -14.37 -16.21 2.62
N PRO C 140 -13.13 -15.69 2.66
CA PRO C 140 -12.05 -16.36 3.40
C PRO C 140 -12.15 -16.17 4.90
N GLY C 141 -12.46 -17.25 5.61
CA GLY C 141 -12.25 -17.39 7.04
C GLY C 141 -12.64 -16.28 7.99
N TRP C 142 -11.66 -15.71 8.68
CA TRP C 142 -11.89 -14.86 9.84
C TRP C 142 -11.21 -13.52 9.69
N GLY C 143 -11.41 -12.88 8.54
CA GLY C 143 -10.84 -11.56 8.31
C GLY C 143 -9.78 -11.55 7.25
N GLY C 144 -9.88 -12.50 6.30
CA GLY C 144 -8.89 -12.56 5.23
C GLY C 144 -8.94 -11.34 4.32
N THR C 145 -10.14 -10.93 3.91
CA THR C 145 -10.27 -9.88 2.90
C THR C 145 -9.73 -8.54 3.41
N GLN C 146 -10.20 -8.10 4.58
CA GLN C 146 -9.81 -6.79 5.08
C GLN C 146 -8.32 -6.73 5.42
N ARG C 147 -7.80 -7.80 6.03
CA ARG C 147 -6.38 -7.81 6.36
C ARG C 147 -5.50 -7.90 5.12
N LEU C 148 -5.85 -8.78 4.18
CA LEU C 148 -4.99 -9.00 3.02
C LEU C 148 -4.85 -7.74 2.18
N MET C 149 -5.93 -7.01 1.97
CA MET C 149 -5.86 -5.78 1.18
C MET C 149 -5.01 -4.72 1.86
N ARG C 150 -4.91 -4.76 3.19
CA ARG C 150 -4.08 -3.81 3.91
C ARG C 150 -2.59 -4.15 3.83
N ILE C 151 -2.25 -5.42 3.60
CA ILE C 151 -0.85 -5.82 3.50
C ILE C 151 -0.40 -5.69 2.06
N VAL C 152 -0.99 -6.50 1.18
CA VAL C 152 -0.58 -6.56 -0.22
C VAL C 152 -1.03 -5.32 -0.99
N GLY C 153 -2.29 -4.91 -0.81
CA GLY C 153 -2.85 -3.81 -1.56
C GLY C 153 -4.24 -4.10 -2.08
N ILE C 154 -4.85 -3.14 -2.77
CA ILE C 154 -6.22 -3.33 -3.25
C ILE C 154 -6.26 -4.05 -4.58
N ALA C 155 -5.14 -4.12 -5.30
CA ALA C 155 -5.12 -4.72 -6.63
C ALA C 155 -4.86 -6.22 -6.60
N LYS C 156 -3.87 -6.66 -5.82
CA LYS C 156 -3.49 -8.06 -5.78
C LYS C 156 -4.30 -8.89 -4.78
N ALA C 157 -5.19 -8.25 -4.02
CA ALA C 157 -6.03 -9.01 -3.09
C ALA C 157 -7.24 -9.63 -3.79
N LYS C 158 -7.86 -8.88 -4.71
CA LYS C 158 -9.00 -9.41 -5.44
C LYS C 158 -8.60 -10.61 -6.29
N GLU C 159 -7.37 -10.61 -6.82
CA GLU C 159 -6.90 -11.73 -7.63
C GLU C 159 -6.75 -13.00 -6.81
N LEU C 160 -6.60 -12.89 -5.48
CA LEU C 160 -6.58 -14.04 -4.61
C LEU C 160 -7.92 -14.29 -3.92
N VAL C 161 -8.67 -13.23 -3.64
CA VAL C 161 -9.99 -13.40 -3.02
C VAL C 161 -10.96 -14.04 -4.00
N TYR C 162 -11.00 -13.55 -5.25
CA TYR C 162 -11.95 -14.07 -6.22
C TYR C 162 -11.55 -15.46 -6.71
N THR C 163 -10.27 -15.65 -6.99
CA THR C 163 -9.83 -16.89 -7.63
C THR C 163 -9.67 -18.03 -6.63
N GLY C 164 -9.14 -17.75 -5.45
CA GLY C 164 -8.63 -18.82 -4.62
C GLY C 164 -7.45 -19.50 -5.28
N LYS C 165 -6.61 -18.71 -5.95
CA LYS C 165 -5.53 -19.23 -6.77
C LYS C 165 -4.48 -19.92 -5.91
N MET C 166 -3.73 -20.83 -6.55
CA MET C 166 -2.71 -21.60 -5.84
C MET C 166 -1.50 -20.73 -5.52
N ILE C 167 -0.81 -20.25 -6.55
CA ILE C 167 0.42 -19.44 -6.45
C ILE C 167 1.53 -20.13 -5.66
N LYS C 168 2.77 -19.78 -5.97
CA LYS C 168 3.94 -20.34 -5.30
C LYS C 168 4.39 -19.40 -4.18
N ALA C 169 5.47 -19.77 -3.51
CA ALA C 169 6.05 -18.96 -2.45
C ALA C 169 7.19 -18.08 -2.92
N GLU C 170 7.72 -18.31 -4.12
CA GLU C 170 8.71 -17.40 -4.68
C GLU C 170 8.06 -16.17 -5.28
N GLU C 171 6.92 -16.34 -5.95
CA GLU C 171 6.15 -15.19 -6.42
C GLU C 171 5.25 -14.60 -5.34
N ALA C 172 5.18 -15.22 -4.16
CA ALA C 172 4.51 -14.59 -3.04
C ALA C 172 5.32 -13.40 -2.53
N LYS C 173 6.65 -13.52 -2.53
CA LYS C 173 7.50 -12.38 -2.24
C LYS C 173 7.39 -11.29 -3.31
N GLU C 174 6.97 -11.67 -4.51
CA GLU C 174 6.76 -10.70 -5.59
C GLU C 174 5.59 -9.76 -5.30
N ILE C 175 4.68 -10.15 -4.41
CA ILE C 175 3.51 -9.35 -4.07
C ILE C 175 3.57 -8.83 -2.64
N GLY C 176 4.62 -9.14 -1.89
CA GLY C 176 4.68 -8.72 -0.50
C GLY C 176 3.83 -9.54 0.43
N LEU C 177 3.41 -10.74 0.02
CA LEU C 177 2.62 -11.60 0.89
C LEU C 177 3.42 -12.07 2.09
N VAL C 178 4.74 -12.17 1.95
CA VAL C 178 5.64 -12.53 3.04
C VAL C 178 6.76 -11.48 3.11
N ASN C 179 7.70 -11.70 4.02
CA ASN C 179 8.79 -10.75 4.25
C ASN C 179 10.14 -11.29 3.78
N HIS C 180 10.57 -12.45 4.28
CA HIS C 180 11.86 -13.01 3.94
C HIS C 180 11.71 -14.43 3.43
N VAL C 181 12.61 -14.82 2.53
CA VAL C 181 12.58 -16.12 1.88
C VAL C 181 13.92 -16.80 2.11
N VAL C 182 13.90 -17.97 2.73
CA VAL C 182 15.12 -18.76 2.99
C VAL C 182 14.78 -20.23 2.86
N PRO C 183 15.80 -21.08 2.62
CA PRO C 183 15.52 -22.52 2.44
C PRO C 183 14.83 -23.12 3.67
N LEU C 184 13.97 -24.11 3.40
CA LEU C 184 13.14 -24.70 4.44
C LEU C 184 13.99 -25.39 5.51
N ALA C 185 15.06 -26.07 5.10
CA ALA C 185 15.90 -26.77 6.07
C ALA C 185 16.54 -25.80 7.05
N SER C 186 16.99 -24.64 6.56
CA SER C 186 17.59 -23.62 7.41
C SER C 186 16.59 -22.63 7.95
N LEU C 187 15.29 -22.82 7.66
CA LEU C 187 14.27 -21.86 8.10
C LEU C 187 14.20 -21.78 9.61
N GLN C 188 14.29 -22.92 10.30
CA GLN C 188 14.19 -22.92 11.76
C GLN C 188 15.31 -22.08 12.38
N GLU C 189 16.54 -22.22 11.89
CA GLU C 189 17.64 -21.42 12.39
C GLU C 189 17.60 -19.99 11.86
N GLU C 190 17.12 -19.80 10.63
CA GLU C 190 17.03 -18.46 10.06
C GLU C 190 16.00 -17.62 10.80
N ALA C 191 14.90 -18.25 11.23
CA ALA C 191 13.92 -17.53 12.05
C ALA C 191 14.53 -17.08 13.37
N LEU C 192 15.44 -17.88 13.92
CA LEU C 192 16.14 -17.47 15.14
C LEU C 192 17.05 -16.28 14.88
N LYS C 193 17.60 -16.16 13.67
CA LYS C 193 18.49 -15.05 13.36
C LYS C 193 17.80 -13.70 13.53
N MET C 194 16.50 -13.64 13.27
CA MET C 194 15.73 -12.43 13.50
C MET C 194 15.27 -12.30 14.94
N ALA C 195 14.83 -13.40 15.56
CA ALA C 195 14.26 -13.33 16.90
C ALA C 195 15.29 -12.84 17.93
N GLN C 196 16.52 -13.37 17.86
CA GLN C 196 17.55 -12.90 18.77
C GLN C 196 17.90 -11.44 18.51
N GLN C 197 17.75 -10.98 17.27
CA GLN C 197 17.97 -9.57 16.98
C GLN C 197 16.81 -8.73 17.50
N ILE C 198 15.58 -9.25 17.43
CA ILE C 198 14.44 -8.59 18.06
C ILE C 198 14.45 -8.75 19.58
N ALA C 199 15.24 -9.69 20.10
CA ALA C 199 15.37 -9.87 21.54
C ALA C 199 16.52 -9.05 22.12
N GLY C 200 17.61 -8.86 21.38
CA GLY C 200 18.76 -8.17 21.92
C GLY C 200 18.71 -6.66 21.86
N ASN C 201 17.72 -6.08 21.20
CA ASN C 201 17.67 -4.62 21.07
C ASN C 201 17.09 -3.96 22.33
N SER C 202 15.82 -4.25 22.62
CA SER C 202 15.10 -3.62 23.73
C SER C 202 13.69 -4.17 23.75
N THR C 203 13.01 -3.95 24.88
CA THR C 203 11.61 -4.35 25.03
C THR C 203 10.67 -3.17 24.82
N MET C 204 10.88 -2.08 25.55
CA MET C 204 10.06 -0.88 25.40
C MET C 204 10.22 -0.23 24.04
N GLY C 205 11.38 -0.43 23.39
CA GLY C 205 11.58 0.11 22.06
C GLY C 205 10.71 -0.51 20.99
N VAL C 206 10.10 -1.66 21.28
CA VAL C 206 9.22 -2.35 20.34
C VAL C 206 7.78 -2.33 20.83
N GLN C 207 7.54 -2.65 22.10
CA GLN C 207 6.18 -2.70 22.62
C GLN C 207 5.51 -1.34 22.60
N MET C 208 6.28 -0.26 22.73
CA MET C 208 5.72 1.08 22.57
C MET C 208 5.62 1.51 21.12
N SER C 209 6.19 0.73 20.19
CA SER C 209 5.93 0.91 18.76
C SER C 209 4.93 -0.10 18.23
N LYS C 210 4.88 -1.29 18.82
CA LYS C 210 3.87 -2.28 18.46
C LYS C 210 2.47 -1.75 18.74
N VAL C 211 2.27 -1.13 19.92
CA VAL C 211 0.99 -0.51 20.23
C VAL C 211 0.74 0.67 19.30
N ALA C 212 1.76 1.50 19.05
CA ALA C 212 1.60 2.65 18.17
C ALA C 212 1.30 2.22 16.74
N ILE C 213 2.00 1.19 16.24
CA ILE C 213 1.79 0.76 14.86
C ILE C 213 0.44 0.11 14.68
N ASN C 214 0.01 -0.70 15.65
CA ASN C 214 -1.24 -1.44 15.54
C ASN C 214 -2.48 -0.62 15.90
N LYS C 215 -2.38 0.71 15.88
CA LYS C 215 -3.52 1.57 16.15
C LYS C 215 -3.71 2.62 15.05
N GLY C 216 -2.60 3.05 14.45
CA GLY C 216 -2.63 4.07 13.43
C GLY C 216 -2.81 3.58 12.00
N ARG C 217 -2.99 2.27 11.80
CA ARG C 217 -3.15 1.74 10.46
C ARG C 217 -4.53 2.01 9.87
N ASN C 218 -5.48 2.49 10.66
CA ASN C 218 -6.85 2.71 10.22
C ASN C 218 -7.25 4.16 10.16
N ALA C 219 -6.89 4.96 11.16
CA ALA C 219 -7.34 6.35 11.25
C ALA C 219 -6.48 7.24 10.35
N ASP C 220 -6.66 8.55 10.48
CA ASP C 220 -5.93 9.52 9.67
C ASP C 220 -4.49 9.62 10.14
N LEU C 221 -3.74 10.53 9.50
CA LEU C 221 -2.31 10.67 9.80
C LEU C 221 -2.08 11.53 11.02
N ASP C 222 -2.84 12.61 11.19
CA ASP C 222 -2.71 13.44 12.39
C ASP C 222 -3.10 12.67 13.64
N THR C 223 -4.14 11.84 13.54
CA THR C 223 -4.44 10.91 14.62
C THR C 223 -3.31 9.91 14.81
N GLY C 224 -2.69 9.48 13.69
CA GLY C 224 -1.52 8.62 13.79
C GLY C 224 -0.38 9.28 14.54
N LEU C 225 -0.27 10.60 14.46
CA LEU C 225 0.70 11.32 15.29
C LEU C 225 0.23 11.51 16.72
N GLY C 226 -1.01 11.11 17.03
CA GLY C 226 -1.55 11.27 18.37
C GLY C 226 -1.03 10.26 19.37
N LEU C 227 -1.25 8.98 19.08
CA LEU C 227 -0.78 7.94 20.00
C LEU C 227 0.73 7.88 20.09
N GLU C 228 1.42 8.17 18.97
CA GLU C 228 2.87 8.06 18.96
C GLU C 228 3.52 9.02 19.94
N ILE C 229 3.01 10.26 20.02
CA ILE C 229 3.60 11.25 20.92
C ILE C 229 3.45 10.81 22.37
N LEU C 230 2.27 10.32 22.74
CA LEU C 230 2.08 9.80 24.08
C LEU C 230 2.88 8.51 24.30
N ALA C 231 2.98 7.67 23.26
CA ALA C 231 3.82 6.47 23.35
C ALA C 231 5.30 6.84 23.41
N TRP C 232 5.73 7.82 22.60
CA TRP C 232 7.12 8.27 22.66
C TRP C 232 7.44 8.88 24.02
N ARG C 233 6.53 9.69 24.56
CA ARG C 233 6.73 10.23 25.90
C ARG C 233 6.75 9.12 26.95
N ASN C 234 5.87 8.12 26.79
CA ASN C 234 5.84 7.01 27.74
C ASN C 234 7.11 6.19 27.68
N CYS C 235 7.78 6.15 26.52
CA CYS C 235 9.01 5.36 26.39
C CYS C 235 10.24 6.08 26.92
N PHE C 236 10.13 7.35 27.29
CA PHE C 236 11.20 8.07 27.97
C PHE C 236 11.06 8.05 29.48
N THR C 237 10.02 7.40 30.01
CA THR C 237 9.83 7.25 31.44
C THR C 237 10.39 5.94 31.98
N HIS C 238 11.33 5.32 31.28
CA HIS C 238 11.94 4.07 31.69
C HIS C 238 13.45 4.19 31.59
N PRO C 239 14.19 3.49 32.45
CA PRO C 239 15.66 3.56 32.40
C PRO C 239 16.26 3.03 31.10
N ASP C 240 15.50 2.26 30.31
CA ASP C 240 16.02 1.76 29.04
C ASP C 240 16.43 2.89 28.10
N ARG C 241 15.82 4.07 28.25
CA ARG C 241 16.24 5.22 27.46
C ARG C 241 17.68 5.61 27.76
N GLN C 242 18.05 5.59 29.04
CA GLN C 242 19.43 5.90 29.43
C GLN C 242 20.39 4.74 29.17
N GLU C 243 19.88 3.52 29.07
CA GLU C 243 20.73 2.36 28.83
C GLU C 243 21.24 2.35 27.40
#